data_5IEC
#
_entry.id   5IEC
#
_entity_poly.entity_id   1
_entity_poly.type   'polypeptide(L)'
_entity_poly.pdbx_seq_one_letter_code
;GPMEEANTTPISVKDQCANVTCRRTVDNRGKRHIDGCPPGCLCVLKGPDSKDNLDGTCYLLATTPKSTTT
;
_entity_poly.pdbx_strand_id   A
#
# COMPACT_ATOMS: atom_id res chain seq x y z
N GLY A 1 -24.37 13.99 24.09
CA GLY A 1 -23.08 14.64 23.96
C GLY A 1 -23.14 15.85 23.05
N PRO A 2 -21.96 16.40 22.71
CA PRO A 2 -21.86 17.57 21.84
C PRO A 2 -22.23 17.26 20.40
N MET A 3 -21.99 18.21 19.50
CA MET A 3 -22.29 18.03 18.09
C MET A 3 -21.06 17.57 17.33
N GLU A 4 -19.91 17.60 17.99
CA GLU A 4 -18.66 17.18 17.36
C GLU A 4 -18.66 15.68 17.10
N GLU A 5 -18.13 15.29 15.94
CA GLU A 5 -18.07 13.88 15.56
C GLU A 5 -16.91 13.18 16.26
N ALA A 6 -15.80 13.90 16.43
CA ALA A 6 -14.62 13.35 17.09
C ALA A 6 -14.85 13.19 18.59
N ASN A 7 -15.61 14.13 19.16
CA ASN A 7 -15.90 14.09 20.60
C ASN A 7 -16.77 12.88 20.94
N THR A 8 -17.60 12.45 20.00
CA THR A 8 -18.47 11.31 20.20
C THR A 8 -17.86 10.04 19.63
N THR A 9 -16.94 10.20 18.68
CA THR A 9 -16.28 9.06 18.06
C THR A 9 -14.85 8.91 18.56
N PRO A 10 -14.64 7.94 19.46
CA PRO A 10 -13.32 7.66 20.04
C PRO A 10 -12.36 7.06 19.02
N ILE A 11 -12.84 6.09 18.25
CA ILE A 11 -12.02 5.44 17.24
C ILE A 11 -12.33 5.98 15.85
N SER A 12 -11.27 6.24 15.08
CA SER A 12 -11.43 6.77 13.74
C SER A 12 -11.62 5.64 12.73
N VAL A 13 -12.50 5.86 11.75
CA VAL A 13 -12.77 4.87 10.73
C VAL A 13 -11.55 4.64 9.84
N LYS A 14 -11.31 3.39 9.46
CA LYS A 14 -10.19 3.05 8.60
C LYS A 14 -10.39 3.57 7.18
N ASP A 15 -9.31 4.01 6.56
CA ASP A 15 -9.37 4.55 5.20
C ASP A 15 -9.16 3.44 4.18
N GLN A 16 -9.87 3.54 3.06
CA GLN A 16 -9.76 2.53 2.00
C GLN A 16 -8.43 2.65 1.27
N CYS A 17 -7.91 1.52 0.81
CA CYS A 17 -6.65 1.50 0.09
C CYS A 17 -6.87 1.47 -1.42
N ALA A 18 -5.84 1.83 -2.18
CA ALA A 18 -5.93 1.86 -3.63
C ALA A 18 -5.44 0.53 -4.22
N ASN A 19 -6.05 0.14 -5.34
CA ASN A 19 -5.68 -1.10 -6.01
C ASN A 19 -4.63 -0.85 -7.09
N VAL A 20 -4.00 0.33 -7.03
CA VAL A 20 -2.98 0.69 -8.01
C VAL A 20 -1.99 -0.45 -8.23
N THR A 21 -1.54 -0.60 -9.47
CA THR A 21 -0.60 -1.65 -9.82
C THR A 21 0.77 -1.07 -10.16
N CYS A 22 1.81 -1.87 -9.95
CA CYS A 22 3.18 -1.44 -10.24
C CYS A 22 3.88 -2.42 -11.17
N ARG A 23 5.06 -2.04 -11.64
CA ARG A 23 5.83 -2.89 -12.55
C ARG A 23 7.33 -2.68 -12.34
N ARG A 24 8.05 -3.77 -12.11
CA ARG A 24 9.49 -3.71 -11.90
C ARG A 24 10.20 -4.85 -12.62
N THR A 25 11.19 -4.49 -13.42
CA THR A 25 11.95 -5.48 -14.19
C THR A 25 13.46 -5.27 -14.02
N VAL A 26 14.21 -6.37 -14.03
CA VAL A 26 15.66 -6.30 -13.88
C VAL A 26 16.33 -7.51 -14.52
N ASP A 27 17.14 -7.25 -15.54
CA ASP A 27 17.85 -8.31 -16.24
C ASP A 27 19.35 -8.04 -16.29
N ASN A 28 20.13 -9.10 -16.39
CA ASN A 28 21.59 -8.96 -16.44
C ASN A 28 22.09 -8.04 -15.33
N ARG A 29 21.33 -7.96 -14.25
CA ARG A 29 21.69 -7.12 -13.12
C ARG A 29 22.02 -7.97 -11.89
N GLY A 30 21.34 -9.11 -11.77
CA GLY A 30 21.57 -9.99 -10.63
C GLY A 30 20.94 -9.47 -9.35
N LYS A 31 20.35 -8.29 -9.43
CA LYS A 31 19.71 -7.67 -8.27
C LYS A 31 18.20 -7.60 -8.47
N ARG A 32 17.45 -7.99 -7.43
CA ARG A 32 15.99 -7.96 -7.49
C ARG A 32 15.48 -6.52 -7.52
N HIS A 33 14.53 -6.26 -8.41
CA HIS A 33 13.95 -4.93 -8.54
C HIS A 33 12.63 -4.83 -7.79
N ILE A 34 12.50 -3.81 -6.95
CA ILE A 34 11.28 -3.61 -6.18
C ILE A 34 10.54 -2.37 -6.63
N ASP A 35 9.21 -2.42 -6.59
CA ASP A 35 8.38 -1.30 -7.00
C ASP A 35 7.88 -0.53 -5.79
N GLY A 36 7.39 0.68 -6.02
CA GLY A 36 6.88 1.50 -4.94
C GLY A 36 5.36 1.55 -4.91
N CYS A 37 4.80 1.82 -3.74
CA CYS A 37 3.35 1.90 -3.59
C CYS A 37 2.96 3.03 -2.64
N PRO A 38 1.71 3.50 -2.76
CA PRO A 38 1.19 4.59 -1.93
C PRO A 38 0.98 4.15 -0.48
N PRO A 39 0.59 5.11 0.37
CA PRO A 39 0.34 4.85 1.80
C PRO A 39 -0.90 4.01 2.03
N GLY A 40 -0.81 3.06 2.96
CA GLY A 40 -1.93 2.21 3.25
C GLY A 40 -1.86 0.89 2.51
N CYS A 41 -1.01 0.82 1.50
CA CYS A 41 -0.85 -0.39 0.71
C CYS A 41 0.58 -0.53 0.20
N LEU A 42 1.05 -1.77 0.12
CA LEU A 42 2.41 -2.04 -0.35
C LEU A 42 2.40 -3.10 -1.45
N CYS A 43 3.30 -2.95 -2.42
CA CYS A 43 3.40 -3.89 -3.53
C CYS A 43 4.79 -4.54 -3.56
N VAL A 44 4.84 -5.84 -3.34
CA VAL A 44 6.09 -6.58 -3.36
C VAL A 44 6.11 -7.61 -4.48
N LEU A 45 7.04 -7.44 -5.42
CA LEU A 45 7.17 -8.35 -6.54
C LEU A 45 8.54 -9.02 -6.55
N LYS A 46 8.56 -10.34 -6.43
CA LYS A 46 9.80 -11.10 -6.44
C LYS A 46 9.99 -11.83 -7.76
N GLY A 47 11.15 -11.60 -8.40
CA GLY A 47 11.44 -12.25 -9.67
C GLY A 47 12.87 -12.74 -9.75
N PRO A 48 13.03 -14.08 -9.80
CA PRO A 48 14.36 -14.70 -9.88
C PRO A 48 15.02 -14.47 -11.23
N ASP A 49 16.00 -15.31 -11.55
CA ASP A 49 16.73 -15.20 -12.82
C ASP A 49 15.75 -15.18 -13.99
N SER A 50 14.56 -15.75 -13.78
CA SER A 50 13.54 -15.81 -14.82
C SER A 50 12.60 -14.61 -14.74
N LYS A 51 13.07 -13.54 -14.09
CA LYS A 51 12.28 -12.33 -13.92
C LYS A 51 11.70 -11.89 -15.26
N ASP A 52 10.70 -11.01 -15.20
CA ASP A 52 10.06 -10.50 -16.41
C ASP A 52 9.52 -9.09 -16.19
N ASN A 53 8.85 -8.54 -17.20
CA ASN A 53 8.29 -7.21 -17.12
C ASN A 53 6.92 -7.23 -16.44
N LEU A 54 6.58 -8.37 -15.84
CA LEU A 54 5.31 -8.53 -15.16
C LEU A 54 5.07 -7.38 -14.19
N ASP A 55 3.81 -7.20 -13.78
CA ASP A 55 3.44 -6.14 -12.85
C ASP A 55 3.11 -6.71 -11.47
N GLY A 56 3.39 -5.93 -10.43
CA GLY A 56 3.12 -6.37 -9.08
C GLY A 56 1.73 -6.01 -8.62
N THR A 57 1.30 -6.57 -7.50
CA THR A 57 -0.02 -6.30 -6.95
C THR A 57 0.07 -5.47 -5.68
N CYS A 58 -1.05 -4.88 -5.27
CA CYS A 58 -1.10 -4.07 -4.07
C CYS A 58 -2.14 -4.60 -3.09
N TYR A 59 -1.82 -4.52 -1.81
CA TYR A 59 -2.74 -5.00 -0.77
C TYR A 59 -2.94 -3.93 0.31
N LEU A 60 -4.15 -3.88 0.85
CA LEU A 60 -4.48 -2.90 1.89
C LEU A 60 -3.91 -3.33 3.23
N LEU A 61 -3.42 -2.36 4.00
CA LEU A 61 -2.85 -2.64 5.31
C LEU A 61 -3.91 -2.56 6.39
N ALA A 62 -3.94 -3.57 7.27
CA ALA A 62 -4.90 -3.60 8.36
C ALA A 62 -4.53 -2.62 9.47
N THR A 63 -3.23 -2.45 9.68
CA THR A 63 -2.74 -1.53 10.70
C THR A 63 -3.39 -0.16 10.58
N THR A 64 -4.04 0.29 11.64
CA THR A 64 -4.70 1.59 11.64
C THR A 64 -3.71 2.70 11.95
N PRO A 65 -3.91 3.87 11.30
CA PRO A 65 -3.04 5.03 11.48
C PRO A 65 -3.21 5.67 12.85
N LYS A 66 -2.59 6.82 13.05
CA LYS A 66 -2.68 7.53 14.32
C LYS A 66 -3.54 8.78 14.19
N SER A 67 -4.32 8.85 13.11
CA SER A 67 -5.19 9.99 12.86
C SER A 67 -6.45 9.91 13.72
N THR A 68 -6.78 11.01 14.40
CA THR A 68 -7.95 11.06 15.25
C THR A 68 -9.14 11.66 14.52
N THR A 69 -8.86 12.52 13.54
CA THR A 69 -9.91 13.16 12.76
C THR A 69 -10.49 12.20 11.73
N THR A 70 -11.81 12.04 11.76
CA THR A 70 -12.49 11.15 10.83
C THR A 70 -12.19 11.52 9.38
N GLY A 1 -14.82 22.62 3.86
CA GLY A 1 -13.40 22.67 4.14
C GLY A 1 -12.98 21.63 5.18
N PRO A 2 -11.76 21.78 5.70
CA PRO A 2 -11.21 20.86 6.71
C PRO A 2 -11.91 21.00 8.05
N MET A 3 -13.08 20.39 8.17
CA MET A 3 -13.85 20.45 9.42
C MET A 3 -13.70 19.15 10.21
N GLU A 4 -13.09 18.15 9.58
CA GLU A 4 -12.89 16.85 10.23
C GLU A 4 -11.88 16.97 11.37
N GLU A 5 -12.08 16.17 12.41
CA GLU A 5 -11.19 16.17 13.57
C GLU A 5 -9.91 15.40 13.28
N ALA A 6 -10.04 14.32 12.51
CA ALA A 6 -8.90 13.49 12.16
C ALA A 6 -7.87 14.27 11.34
N ASN A 7 -8.37 15.19 10.52
CA ASN A 7 -7.50 16.02 9.68
C ASN A 7 -6.64 16.95 10.54
N THR A 8 -7.10 17.23 11.75
CA THR A 8 -6.37 18.10 12.66
C THR A 8 -5.53 17.29 13.64
N THR A 9 -5.93 16.05 13.88
CA THR A 9 -5.22 15.17 14.79
C THR A 9 -4.06 14.47 14.09
N PRO A 10 -2.97 14.23 14.84
CA PRO A 10 -1.78 13.56 14.31
C PRO A 10 -2.02 12.09 14.01
N ILE A 11 -2.84 11.45 14.84
CA ILE A 11 -3.16 10.03 14.66
C ILE A 11 -4.45 9.85 13.88
N SER A 12 -4.44 8.92 12.93
CA SER A 12 -5.60 8.65 12.11
C SER A 12 -6.19 7.27 12.43
N VAL A 13 -7.51 7.16 12.31
CA VAL A 13 -8.20 5.90 12.58
C VAL A 13 -8.06 4.93 11.41
N LYS A 14 -7.88 3.66 11.72
CA LYS A 14 -7.74 2.63 10.69
C LYS A 14 -8.88 2.70 9.69
N ASP A 15 -8.53 2.69 8.41
CA ASP A 15 -9.53 2.77 7.35
C ASP A 15 -9.27 1.70 6.29
N GLN A 16 -10.28 1.41 5.47
CA GLN A 16 -10.16 0.41 4.42
C GLN A 16 -9.30 0.93 3.28
N CYS A 17 -8.58 0.02 2.62
CA CYS A 17 -7.72 0.39 1.50
C CYS A 17 -8.32 -0.08 0.17
N ALA A 18 -7.78 0.45 -0.91
CA ALA A 18 -8.26 0.09 -2.25
C ALA A 18 -7.43 -1.05 -2.84
N ASN A 19 -7.94 -1.65 -3.91
CA ASN A 19 -7.24 -2.75 -4.57
C ASN A 19 -6.25 -2.22 -5.61
N VAL A 20 -5.92 -0.94 -5.51
CA VAL A 20 -4.99 -0.31 -6.43
C VAL A 20 -3.78 -1.19 -6.66
N THR A 21 -3.24 -1.15 -7.88
CA THR A 21 -2.07 -1.93 -8.24
C THR A 21 -0.86 -1.05 -8.48
N CYS A 22 0.33 -1.63 -8.32
CA CYS A 22 1.58 -0.89 -8.53
C CYS A 22 2.36 -1.46 -9.71
N ARG A 23 3.40 -0.75 -10.11
CA ARG A 23 4.23 -1.19 -11.23
C ARG A 23 5.71 -1.17 -10.84
N ARG A 24 6.39 -2.28 -11.09
CA ARG A 24 7.81 -2.39 -10.76
C ARG A 24 8.58 -3.05 -11.91
N THR A 25 9.59 -2.35 -12.41
CA THR A 25 10.40 -2.86 -13.51
C THR A 25 11.86 -2.46 -13.34
N VAL A 26 12.76 -3.34 -13.77
CA VAL A 26 14.19 -3.09 -13.66
C VAL A 26 14.98 -3.89 -14.69
N ASP A 27 15.66 -3.19 -15.58
CA ASP A 27 16.45 -3.85 -16.62
C ASP A 27 17.87 -3.28 -16.66
N ASN A 28 18.82 -4.10 -17.10
CA ASN A 28 20.22 -3.69 -17.18
C ASN A 28 20.66 -3.01 -15.88
N ARG A 29 20.02 -3.38 -14.78
CA ARG A 29 20.34 -2.81 -13.49
C ARG A 29 20.98 -3.84 -12.57
N GLY A 30 20.53 -5.08 -12.70
CA GLY A 30 21.06 -6.17 -11.88
C GLY A 30 20.58 -6.09 -10.45
N LYS A 31 19.86 -5.03 -10.12
CA LYS A 31 19.33 -4.83 -8.77
C LYS A 31 17.81 -4.86 -8.78
N ARG A 32 17.23 -5.58 -7.82
CA ARG A 32 15.78 -5.69 -7.71
C ARG A 32 15.19 -4.44 -7.08
N HIS A 33 14.27 -3.80 -7.78
CA HIS A 33 13.62 -2.59 -7.29
C HIS A 33 12.25 -2.90 -6.70
N ILE A 34 11.88 -2.17 -5.65
CA ILE A 34 10.60 -2.37 -4.99
C ILE A 34 9.71 -1.14 -5.14
N ASP A 35 8.40 -1.37 -5.20
CA ASP A 35 7.44 -0.28 -5.34
C ASP A 35 6.82 0.08 -3.99
N GLY A 36 6.22 1.26 -3.92
CA GLY A 36 5.60 1.69 -2.68
C GLY A 36 4.08 1.63 -2.73
N CYS A 37 3.45 1.64 -1.57
CA CYS A 37 1.99 1.58 -1.50
C CYS A 37 1.47 2.49 -0.39
N PRO A 38 0.23 2.97 -0.56
CA PRO A 38 -0.42 3.87 0.42
C PRO A 38 -0.77 3.15 1.71
N PRO A 39 -1.26 3.91 2.70
CA PRO A 39 -1.65 3.37 4.00
C PRO A 39 -2.89 2.49 3.93
N GLY A 40 -2.89 1.40 4.68
CA GLY A 40 -4.03 0.50 4.67
C GLY A 40 -3.84 -0.67 3.73
N CYS A 41 -2.83 -0.57 2.88
CA CYS A 41 -2.54 -1.64 1.91
C CYS A 41 -1.08 -1.58 1.47
N LEU A 42 -0.49 -2.75 1.27
CA LEU A 42 0.90 -2.84 0.83
C LEU A 42 1.04 -3.77 -0.37
N CYS A 43 2.01 -3.47 -1.24
CA CYS A 43 2.24 -4.28 -2.42
C CYS A 43 3.72 -4.65 -2.54
N VAL A 44 4.03 -5.93 -2.38
CA VAL A 44 5.41 -6.40 -2.47
C VAL A 44 5.55 -7.46 -3.56
N LEU A 45 6.28 -7.12 -4.61
CA LEU A 45 6.50 -8.04 -5.73
C LEU A 45 7.98 -8.25 -5.97
N LYS A 46 8.41 -9.52 -5.93
CA LYS A 46 9.81 -9.85 -6.14
C LYS A 46 10.01 -10.43 -7.55
N GLY A 47 11.00 -9.89 -8.26
CA GLY A 47 11.28 -10.36 -9.60
C GLY A 47 12.75 -10.59 -9.85
N PRO A 48 13.14 -11.85 -10.07
CA PRO A 48 14.54 -12.22 -10.31
C PRO A 48 15.04 -11.72 -11.66
N ASP A 49 16.12 -12.33 -12.15
CA ASP A 49 16.70 -11.96 -13.43
C ASP A 49 15.65 -11.97 -14.53
N SER A 50 14.58 -12.73 -14.31
CA SER A 50 13.50 -12.83 -15.29
C SER A 50 12.46 -11.74 -15.07
N LYS A 51 12.84 -10.70 -14.33
CA LYS A 51 11.93 -9.61 -14.03
C LYS A 51 11.34 -9.04 -15.32
N ASP A 52 10.22 -8.33 -15.18
CA ASP A 52 9.54 -7.74 -16.33
C ASP A 52 8.80 -6.46 -15.93
N ASN A 53 8.04 -5.92 -16.86
CA ASN A 53 7.29 -4.69 -16.61
C ASN A 53 5.96 -5.00 -15.90
N LEU A 54 5.82 -6.24 -15.45
CA LEU A 54 4.62 -6.67 -14.76
C LEU A 54 4.28 -5.72 -13.62
N ASP A 55 3.03 -5.79 -13.15
CA ASP A 55 2.59 -4.93 -12.04
C ASP A 55 2.44 -5.74 -10.77
N GLY A 56 2.59 -5.07 -9.63
CA GLY A 56 2.47 -5.74 -8.34
C GLY A 56 1.05 -5.73 -7.82
N THR A 57 0.80 -6.51 -6.77
CA THR A 57 -0.52 -6.60 -6.18
C THR A 57 -0.54 -5.97 -4.79
N CYS A 58 -1.70 -5.42 -4.42
CA CYS A 58 -1.84 -4.78 -3.11
C CYS A 58 -2.95 -5.46 -2.30
N TYR A 59 -2.74 -5.57 -1.00
CA TYR A 59 -3.70 -6.20 -0.11
C TYR A 59 -4.35 -5.18 0.81
N LEU A 60 -5.66 -5.25 0.95
CA LEU A 60 -6.40 -4.33 1.81
C LEU A 60 -6.34 -4.77 3.27
N LEU A 61 -6.22 -3.81 4.17
CA LEU A 61 -6.15 -4.09 5.60
C LEU A 61 -7.50 -4.57 6.12
N ALA A 62 -7.53 -5.82 6.60
CA ALA A 62 -8.76 -6.40 7.13
C ALA A 62 -8.84 -6.23 8.64
N THR A 63 -7.67 -6.19 9.29
CA THR A 63 -7.61 -6.03 10.73
C THR A 63 -8.54 -4.92 11.21
N THR A 64 -9.47 -5.26 12.09
CA THR A 64 -10.42 -4.30 12.63
C THR A 64 -10.02 -3.85 14.03
N PRO A 65 -10.25 -2.56 14.33
CA PRO A 65 -9.93 -1.99 15.64
C PRO A 65 -10.83 -2.51 16.74
N LYS A 66 -10.64 -1.99 17.96
CA LYS A 66 -11.43 -2.41 19.09
C LYS A 66 -12.64 -1.48 19.28
N SER A 67 -12.96 -0.72 18.25
CA SER A 67 -14.08 0.20 18.30
C SER A 67 -15.34 -0.44 17.69
N THR A 68 -16.44 -0.38 18.44
CA THR A 68 -17.69 -0.96 17.99
C THR A 68 -18.56 0.10 17.32
N THR A 69 -18.39 1.35 17.74
CA THR A 69 -19.17 2.46 17.19
C THR A 69 -18.61 2.90 15.84
N THR A 70 -19.47 2.87 14.82
CA THR A 70 -19.06 3.26 13.48
C THR A 70 -18.95 4.77 13.36
N GLY A 1 -21.79 26.85 18.07
CA GLY A 1 -21.31 25.51 17.79
C GLY A 1 -19.79 25.42 17.86
N PRO A 2 -19.26 24.25 17.49
CA PRO A 2 -17.80 24.01 17.50
C PRO A 2 -17.07 24.81 16.43
N MET A 3 -16.05 25.55 16.84
CA MET A 3 -15.27 26.35 15.91
C MET A 3 -13.98 25.65 15.53
N GLU A 4 -13.68 24.55 16.23
CA GLU A 4 -12.46 23.79 15.97
C GLU A 4 -12.74 22.65 14.97
N GLU A 5 -11.72 22.29 14.20
CA GLU A 5 -11.85 21.22 13.22
C GLU A 5 -11.88 19.85 13.89
N ALA A 6 -11.12 19.72 14.97
CA ALA A 6 -11.06 18.47 15.71
C ALA A 6 -12.33 18.23 16.49
N ASN A 7 -12.93 19.31 16.98
CA ASN A 7 -14.17 19.21 17.75
C ASN A 7 -15.31 18.73 16.88
N THR A 8 -15.25 19.05 15.59
CA THR A 8 -16.29 18.66 14.65
C THR A 8 -15.90 17.39 13.90
N THR A 9 -14.59 17.12 13.85
CA THR A 9 -14.09 15.94 13.16
C THR A 9 -13.86 14.80 14.14
N PRO A 10 -14.33 13.59 13.76
CA PRO A 10 -14.18 12.39 14.59
C PRO A 10 -12.74 11.91 14.66
N ILE A 11 -12.55 10.68 15.13
CA ILE A 11 -11.22 10.10 15.26
C ILE A 11 -10.84 9.31 14.02
N SER A 12 -9.62 9.49 13.54
CA SER A 12 -9.13 8.79 12.36
C SER A 12 -9.20 7.28 12.56
N VAL A 13 -9.74 6.57 11.57
CA VAL A 13 -9.86 5.12 11.64
C VAL A 13 -9.38 4.47 10.35
N LYS A 14 -8.71 3.33 10.48
CA LYS A 14 -8.20 2.61 9.33
C LYS A 14 -9.33 2.21 8.38
N ASP A 15 -9.05 2.21 7.08
CA ASP A 15 -10.04 1.85 6.09
C ASP A 15 -9.48 0.81 5.11
N GLN A 16 -10.37 0.22 4.31
CA GLN A 16 -9.97 -0.78 3.34
C GLN A 16 -9.17 -0.15 2.20
N CYS A 17 -8.22 -0.91 1.66
CA CYS A 17 -7.40 -0.42 0.56
C CYS A 17 -7.92 -0.95 -0.78
N ALA A 18 -7.34 -0.44 -1.86
CA ALA A 18 -7.74 -0.85 -3.21
C ALA A 18 -6.87 -2.01 -3.70
N ASN A 19 -7.34 -2.69 -4.75
CA ASN A 19 -6.60 -3.82 -5.32
C ASN A 19 -5.61 -3.35 -6.37
N VAL A 20 -5.38 -2.04 -6.41
CA VAL A 20 -4.45 -1.46 -7.36
C VAL A 20 -3.14 -2.24 -7.40
N THR A 21 -2.56 -2.37 -8.61
CA THR A 21 -1.32 -3.10 -8.77
C THR A 21 -0.23 -2.19 -9.34
N CYS A 22 1.02 -2.54 -9.06
CA CYS A 22 2.16 -1.76 -9.55
C CYS A 22 3.01 -2.58 -10.52
N ARG A 23 3.82 -1.89 -11.30
CA ARG A 23 4.69 -2.54 -12.28
C ARG A 23 6.15 -2.19 -12.03
N ARG A 24 6.99 -3.21 -11.86
CA ARG A 24 8.41 -3.01 -11.62
C ARG A 24 9.25 -4.04 -12.37
N THR A 25 10.11 -3.57 -13.25
CA THR A 25 10.98 -4.45 -14.03
C THR A 25 12.35 -3.83 -14.25
N VAL A 26 13.35 -4.68 -14.43
CA VAL A 26 14.72 -4.22 -14.66
C VAL A 26 15.52 -5.24 -15.44
N ASP A 27 16.02 -4.84 -16.60
CA ASP A 27 16.82 -5.73 -17.44
C ASP A 27 18.13 -5.06 -17.85
N ASN A 28 19.16 -5.87 -18.07
CA ASN A 28 20.46 -5.36 -18.47
C ASN A 28 20.89 -4.20 -17.56
N ARG A 29 20.38 -4.21 -16.34
CA ARG A 29 20.71 -3.16 -15.37
C ARG A 29 21.49 -3.73 -14.19
N GLY A 30 21.15 -4.95 -13.80
CA GLY A 30 21.83 -5.59 -12.69
C GLY A 30 21.44 -4.99 -11.35
N LYS A 31 20.61 -3.96 -11.39
CA LYS A 31 20.16 -3.29 -10.16
C LYS A 31 18.66 -3.47 -9.98
N ARG A 32 18.25 -3.83 -8.77
CA ARG A 32 16.84 -4.04 -8.45
C ARG A 32 16.22 -2.74 -7.94
N HIS A 33 15.04 -2.41 -8.48
CA HIS A 33 14.33 -1.20 -8.08
C HIS A 33 12.92 -1.53 -7.61
N ILE A 34 12.59 -1.11 -6.38
CA ILE A 34 11.28 -1.36 -5.82
C ILE A 34 10.51 -0.06 -5.59
N ASP A 35 9.20 -0.10 -5.79
CA ASP A 35 8.36 1.07 -5.60
C ASP A 35 7.61 1.00 -4.27
N GLY A 36 7.03 2.13 -3.87
CA GLY A 36 6.28 2.17 -2.62
C GLY A 36 4.79 2.14 -2.84
N CYS A 37 4.06 1.52 -1.91
CA CYS A 37 2.62 1.42 -2.00
C CYS A 37 1.94 2.32 -0.97
N PRO A 38 0.68 2.68 -1.25
CA PRO A 38 -0.11 3.55 -0.35
C PRO A 38 -0.49 2.86 0.94
N PRO A 39 -1.08 3.62 1.88
CA PRO A 39 -1.52 3.09 3.17
C PRO A 39 -2.70 2.14 3.05
N GLY A 40 -2.68 1.07 3.83
CA GLY A 40 -3.76 0.10 3.80
C GLY A 40 -3.45 -1.08 2.91
N CYS A 41 -2.43 -0.94 2.06
CA CYS A 41 -2.04 -2.00 1.15
C CYS A 41 -0.59 -1.83 0.72
N LEU A 42 0.13 -2.95 0.60
CA LEU A 42 1.53 -2.92 0.18
C LEU A 42 1.79 -3.94 -0.92
N CYS A 43 2.60 -3.55 -1.90
CA CYS A 43 2.94 -4.43 -3.01
C CYS A 43 4.45 -4.63 -3.11
N VAL A 44 4.89 -5.86 -2.87
CA VAL A 44 6.31 -6.20 -2.94
C VAL A 44 6.57 -7.30 -3.96
N LEU A 45 7.38 -6.97 -4.97
CA LEU A 45 7.71 -7.93 -6.01
C LEU A 45 9.21 -8.21 -6.03
N LYS A 46 9.57 -9.48 -5.90
CA LYS A 46 10.98 -9.89 -5.91
C LYS A 46 11.32 -10.60 -7.21
N GLY A 47 12.33 -10.09 -7.91
CA GLY A 47 12.75 -10.69 -9.16
C GLY A 47 14.26 -10.76 -9.30
N PRO A 48 14.81 -11.98 -9.23
CA PRO A 48 16.26 -12.21 -9.34
C PRO A 48 16.77 -11.94 -10.76
N ASP A 49 17.96 -12.46 -11.06
CA ASP A 49 18.56 -12.28 -12.37
C ASP A 49 17.62 -12.74 -13.48
N SER A 50 16.64 -13.57 -13.11
CA SER A 50 15.67 -14.08 -14.07
C SER A 50 14.46 -13.16 -14.16
N LYS A 51 14.64 -11.91 -13.73
CA LYS A 51 13.57 -10.93 -13.78
C LYS A 51 12.92 -10.90 -15.15
N ASP A 52 11.72 -10.32 -15.22
CA ASP A 52 10.99 -10.21 -16.49
C ASP A 52 10.18 -8.92 -16.53
N ASN A 53 9.35 -8.80 -17.57
CA ASN A 53 8.51 -7.61 -17.73
C ASN A 53 7.25 -7.71 -16.87
N LEU A 54 7.23 -8.70 -15.99
CA LEU A 54 6.08 -8.90 -15.11
C LEU A 54 5.91 -7.72 -14.15
N ASP A 55 4.74 -7.62 -13.55
CA ASP A 55 4.44 -6.54 -12.61
C ASP A 55 4.04 -7.10 -11.25
N GLY A 56 4.05 -6.23 -10.24
CA GLY A 56 3.68 -6.65 -8.90
C GLY A 56 2.23 -6.40 -8.59
N THR A 57 1.76 -6.91 -7.45
CA THR A 57 0.38 -6.73 -7.04
C THR A 57 0.29 -6.17 -5.63
N CYS A 58 -0.82 -5.51 -5.33
CA CYS A 58 -1.03 -4.91 -4.01
C CYS A 58 -2.27 -5.51 -3.34
N TYR A 59 -2.15 -5.76 -2.04
CA TYR A 59 -3.26 -6.34 -1.28
C TYR A 59 -3.46 -5.59 0.04
N LEU A 60 -4.71 -5.48 0.47
CA LEU A 60 -5.03 -4.80 1.71
C LEU A 60 -4.55 -5.59 2.92
N LEU A 61 -4.13 -4.88 3.96
CA LEU A 61 -3.64 -5.52 5.18
C LEU A 61 -4.77 -6.20 5.93
N ALA A 62 -4.63 -7.50 6.15
CA ALA A 62 -5.65 -8.28 6.86
C ALA A 62 -5.58 -8.01 8.36
N THR A 63 -4.38 -7.79 8.86
CA THR A 63 -4.17 -7.53 10.28
C THR A 63 -5.11 -6.44 10.78
N THR A 64 -5.92 -6.78 11.78
CA THR A 64 -6.87 -5.83 12.35
C THR A 64 -6.19 -4.91 13.36
N PRO A 65 -6.62 -3.64 13.38
CA PRO A 65 -6.07 -2.63 14.29
C PRO A 65 -6.44 -2.89 15.75
N LYS A 66 -6.15 -1.93 16.61
CA LYS A 66 -6.46 -2.06 18.03
C LYS A 66 -7.80 -1.41 18.35
N SER A 67 -8.60 -1.17 17.32
CA SER A 67 -9.91 -0.56 17.48
C SER A 67 -10.97 -1.62 17.78
N THR A 68 -11.80 -1.36 18.80
CA THR A 68 -12.84 -2.28 19.19
C THR A 68 -14.21 -1.83 18.68
N THR A 69 -14.36 -0.52 18.51
CA THR A 69 -15.61 0.06 18.02
C THR A 69 -15.71 -0.06 16.50
N THR A 70 -16.89 -0.43 16.02
CA THR A 70 -17.12 -0.57 14.59
C THR A 70 -16.91 0.75 13.87
N GLY A 1 -9.38 33.27 8.93
CA GLY A 1 -9.92 32.20 9.75
C GLY A 1 -9.27 30.86 9.45
N PRO A 2 -9.82 29.78 10.04
CA PRO A 2 -9.30 28.43 9.85
C PRO A 2 -9.56 27.91 8.45
N MET A 3 -8.56 28.01 7.58
CA MET A 3 -8.67 27.55 6.21
C MET A 3 -8.00 26.19 6.03
N GLU A 4 -7.51 25.63 7.13
CA GLU A 4 -6.85 24.33 7.10
C GLU A 4 -7.84 23.22 6.77
N GLU A 5 -7.46 22.35 5.84
CA GLU A 5 -8.31 21.24 5.43
C GLU A 5 -8.24 20.10 6.44
N ALA A 6 -7.06 19.88 7.01
CA ALA A 6 -6.85 18.83 8.00
C ALA A 6 -7.70 19.08 9.24
N ASN A 7 -7.89 20.35 9.58
CA ASN A 7 -8.69 20.72 10.75
C ASN A 7 -10.15 20.34 10.56
N THR A 8 -10.56 20.21 9.31
CA THR A 8 -11.94 19.85 8.99
C THR A 8 -12.07 18.35 8.74
N THR A 9 -10.97 17.73 8.33
CA THR A 9 -10.96 16.30 8.06
C THR A 9 -10.79 15.49 9.33
N PRO A 10 -11.84 14.74 9.71
CA PRO A 10 -11.83 13.90 10.91
C PRO A 10 -10.90 12.70 10.78
N ILE A 11 -11.05 11.74 11.68
CA ILE A 11 -10.23 10.55 11.67
C ILE A 11 -10.86 9.45 10.81
N SER A 12 -10.04 8.79 10.00
CA SER A 12 -10.52 7.72 9.13
C SER A 12 -10.79 6.45 9.93
N VAL A 13 -12.02 5.96 9.84
CA VAL A 13 -12.41 4.75 10.56
C VAL A 13 -11.95 3.50 9.81
N LYS A 14 -11.52 2.49 10.56
CA LYS A 14 -11.06 1.24 9.97
C LYS A 14 -12.08 0.71 8.98
N ASP A 15 -11.69 0.68 7.70
CA ASP A 15 -12.57 0.19 6.65
C ASP A 15 -11.81 -0.74 5.69
N GLN A 16 -12.55 -1.44 4.85
CA GLN A 16 -11.96 -2.36 3.89
C GLN A 16 -11.22 -1.59 2.79
N CYS A 17 -10.15 -2.19 2.29
CA CYS A 17 -9.36 -1.57 1.23
C CYS A 17 -9.74 -2.13 -0.14
N ALA A 18 -9.20 -1.53 -1.19
CA ALA A 18 -9.47 -1.97 -2.55
C ALA A 18 -8.44 -2.98 -3.02
N ASN A 19 -8.75 -3.70 -4.10
CA ASN A 19 -7.85 -4.69 -4.65
C ASN A 19 -6.94 -4.07 -5.70
N VAL A 20 -6.87 -2.75 -5.72
CA VAL A 20 -6.03 -2.03 -6.66
C VAL A 20 -4.63 -2.64 -6.73
N THR A 21 -4.05 -2.64 -7.92
CA THR A 21 -2.72 -3.20 -8.13
C THR A 21 -1.75 -2.13 -8.64
N CYS A 22 -0.47 -2.33 -8.36
CA CYS A 22 0.57 -1.39 -8.79
C CYS A 22 1.53 -2.04 -9.77
N ARG A 23 2.23 -1.22 -10.54
CA ARG A 23 3.19 -1.72 -11.51
C ARG A 23 4.58 -1.15 -11.26
N ARG A 24 5.57 -2.03 -11.19
CA ARG A 24 6.95 -1.61 -10.95
C ARG A 24 7.90 -2.26 -11.95
N THR A 25 8.65 -1.43 -12.66
CA THR A 25 9.59 -1.92 -13.65
C THR A 25 10.92 -1.18 -13.57
N VAL A 26 12.01 -1.89 -13.79
CA VAL A 26 13.35 -1.30 -13.74
C VAL A 26 14.35 -2.13 -14.55
N ASP A 27 14.96 -1.50 -15.54
CA ASP A 27 15.95 -2.17 -16.38
C ASP A 27 17.24 -1.36 -16.46
N ASN A 28 18.34 -2.05 -16.71
CA ASN A 28 19.64 -1.39 -16.82
C ASN A 28 19.88 -0.46 -15.63
N ARG A 29 19.23 -0.75 -14.51
CA ARG A 29 19.37 0.05 -13.31
C ARG A 29 20.02 -0.75 -12.19
N GLY A 30 19.75 -2.04 -12.15
CA GLY A 30 20.32 -2.89 -11.12
C GLY A 30 19.66 -2.70 -9.78
N LYS A 31 18.76 -1.72 -9.69
CA LYS A 31 18.05 -1.43 -8.45
C LYS A 31 16.56 -1.69 -8.60
N ARG A 32 15.98 -2.37 -7.63
CA ARG A 32 14.56 -2.68 -7.66
C ARG A 32 13.72 -1.41 -7.48
N HIS A 33 12.48 -1.44 -7.96
CA HIS A 33 11.59 -0.31 -7.86
C HIS A 33 10.30 -0.68 -7.12
N ILE A 34 9.99 0.08 -6.08
CA ILE A 34 8.79 -0.18 -5.28
C ILE A 34 7.87 1.04 -5.27
N ASP A 35 6.56 0.79 -5.31
CA ASP A 35 5.58 1.87 -5.31
C ASP A 35 4.88 1.96 -3.95
N GLY A 36 4.17 3.06 -3.73
CA GLY A 36 3.47 3.24 -2.47
C GLY A 36 1.99 2.94 -2.59
N CYS A 37 1.45 2.24 -1.59
CA CYS A 37 0.04 1.88 -1.59
C CYS A 37 -0.72 2.67 -0.53
N PRO A 38 -2.04 2.82 -0.73
CA PRO A 38 -2.91 3.55 0.20
C PRO A 38 -3.09 2.81 1.52
N PRO A 39 -3.75 3.48 2.49
CA PRO A 39 -4.01 2.91 3.81
C PRO A 39 -5.03 1.78 3.76
N GLY A 40 -4.81 0.75 4.57
CA GLY A 40 -5.72 -0.37 4.60
C GLY A 40 -5.27 -1.51 3.71
N CYS A 41 -4.33 -1.24 2.83
CA CYS A 41 -3.81 -2.24 1.92
C CYS A 41 -2.44 -1.83 1.38
N LEU A 42 -1.55 -2.81 1.24
CA LEU A 42 -0.20 -2.56 0.74
C LEU A 42 0.17 -3.56 -0.35
N CYS A 43 1.01 -3.14 -1.28
CA CYS A 43 1.44 -4.00 -2.37
C CYS A 43 2.96 -4.09 -2.42
N VAL A 44 3.50 -5.28 -2.16
CA VAL A 44 4.94 -5.50 -2.18
C VAL A 44 5.34 -6.54 -3.22
N LEU A 45 6.12 -6.13 -4.20
CA LEU A 45 6.57 -7.03 -5.25
C LEU A 45 8.09 -7.14 -5.28
N LYS A 46 8.60 -8.36 -5.21
CA LYS A 46 10.03 -8.59 -5.23
C LYS A 46 10.48 -9.12 -6.59
N GLY A 47 11.42 -8.42 -7.21
CA GLY A 47 11.93 -8.82 -8.51
C GLY A 47 13.43 -8.67 -8.63
N PRO A 48 14.13 -9.81 -8.76
CA PRO A 48 15.59 -9.82 -8.88
C PRO A 48 16.07 -9.25 -10.22
N ASP A 49 17.31 -9.57 -10.58
CA ASP A 49 17.88 -9.09 -11.84
C ASP A 49 16.97 -9.41 -13.01
N SER A 50 16.11 -10.41 -12.84
CA SER A 50 15.19 -10.83 -13.88
C SER A 50 13.86 -10.07 -13.77
N LYS A 51 13.91 -8.93 -13.11
CA LYS A 51 12.71 -8.10 -12.93
C LYS A 51 12.01 -7.87 -14.26
N ASP A 52 10.75 -7.48 -14.19
CA ASP A 52 9.96 -7.22 -15.40
C ASP A 52 8.92 -6.13 -15.14
N ASN A 53 8.04 -5.92 -16.12
CA ASN A 53 7.00 -4.90 -16.00
C ASN A 53 5.80 -5.45 -15.23
N LEU A 54 5.99 -6.61 -14.60
CA LEU A 54 4.92 -7.25 -13.83
C LEU A 54 4.32 -6.27 -12.83
N ASP A 55 3.13 -6.58 -12.33
CA ASP A 55 2.45 -5.73 -11.37
C ASP A 55 2.14 -6.50 -10.08
N GLY A 56 2.13 -5.80 -8.96
CA GLY A 56 1.86 -6.43 -7.68
C GLY A 56 0.42 -6.22 -7.24
N THR A 57 0.02 -6.93 -6.19
CA THR A 57 -1.33 -6.83 -5.66
C THR A 57 -1.34 -6.18 -4.28
N CYS A 58 -2.53 -5.81 -3.81
CA CYS A 58 -2.67 -5.18 -2.50
C CYS A 58 -3.54 -6.03 -1.58
N TYR A 59 -3.15 -6.14 -0.32
CA TYR A 59 -3.90 -6.93 0.65
C TYR A 59 -4.04 -6.17 1.97
N LEU A 60 -5.17 -6.35 2.63
CA LEU A 60 -5.42 -5.69 3.91
C LEU A 60 -4.78 -6.46 5.06
N LEU A 61 -4.22 -5.72 6.02
CA LEU A 61 -3.58 -6.34 7.17
C LEU A 61 -4.62 -6.99 8.10
N ALA A 62 -4.51 -8.30 8.24
CA ALA A 62 -5.44 -9.05 9.10
C ALA A 62 -4.87 -9.22 10.51
N THR A 63 -3.54 -9.23 10.60
CA THR A 63 -2.88 -9.39 11.89
C THR A 63 -3.49 -8.47 12.94
N THR A 64 -3.98 -9.07 14.03
CA THR A 64 -4.59 -8.31 15.10
C THR A 64 -3.58 -8.00 16.20
N PRO A 65 -3.70 -6.81 16.80
CA PRO A 65 -2.80 -6.37 17.88
C PRO A 65 -3.02 -7.15 19.17
N LYS A 66 -3.95 -6.67 19.99
CA LYS A 66 -4.26 -7.31 21.26
C LYS A 66 -5.59 -8.06 21.18
N SER A 67 -6.06 -8.29 19.95
CA SER A 67 -7.32 -8.99 19.74
C SER A 67 -7.09 -10.48 19.50
N THR A 68 -7.73 -11.31 20.32
CA THR A 68 -7.59 -12.75 20.20
C THR A 68 -8.79 -13.37 19.51
N THR A 69 -9.95 -12.71 19.62
CA THR A 69 -11.17 -13.20 19.00
C THR A 69 -11.25 -12.75 17.55
N THR A 70 -11.68 -13.67 16.68
CA THR A 70 -11.80 -13.38 15.26
C THR A 70 -13.23 -12.94 14.91
N GLY A 1 -23.64 16.04 12.26
CA GLY A 1 -23.05 16.67 13.43
C GLY A 1 -23.27 15.86 14.69
N PRO A 2 -24.52 15.87 15.20
CA PRO A 2 -24.88 15.13 16.42
C PRO A 2 -24.87 13.62 16.21
N MET A 3 -25.22 13.19 15.00
CA MET A 3 -25.25 11.77 14.68
C MET A 3 -23.92 11.33 14.06
N GLU A 4 -22.96 12.25 14.02
CA GLU A 4 -21.65 11.95 13.45
C GLU A 4 -20.88 10.99 14.34
N GLU A 5 -20.22 10.02 13.72
CA GLU A 5 -19.45 9.02 14.47
C GLU A 5 -18.09 9.59 14.89
N ALA A 6 -17.52 10.42 14.03
CA ALA A 6 -16.22 11.04 14.31
C ALA A 6 -16.30 11.95 15.53
N ASN A 7 -17.47 12.54 15.74
CA ASN A 7 -17.67 13.44 16.87
C ASN A 7 -17.84 12.65 18.17
N THR A 8 -18.23 11.39 18.04
CA THR A 8 -18.41 10.52 19.20
C THR A 8 -17.17 9.68 19.47
N THR A 9 -16.39 9.43 18.42
CA THR A 9 -15.18 8.64 18.55
C THR A 9 -13.93 9.51 18.43
N PRO A 10 -12.92 9.22 19.26
CA PRO A 10 -11.66 9.96 19.27
C PRO A 10 -10.83 9.72 18.01
N ILE A 11 -10.83 8.48 17.54
CA ILE A 11 -10.08 8.12 16.34
C ILE A 11 -11.01 7.66 15.22
N SER A 12 -10.85 8.25 14.04
CA SER A 12 -11.68 7.90 12.90
C SER A 12 -11.31 6.53 12.36
N VAL A 13 -12.30 5.80 11.86
CA VAL A 13 -12.07 4.47 11.30
C VAL A 13 -11.25 4.54 10.03
N LYS A 14 -10.35 3.57 9.86
CA LYS A 14 -9.50 3.51 8.67
C LYS A 14 -10.34 3.53 7.40
N ASP A 15 -9.81 4.18 6.37
CA ASP A 15 -10.50 4.27 5.09
C ASP A 15 -9.95 3.26 4.09
N GLN A 16 -10.67 3.05 2.99
CA GLN A 16 -10.24 2.11 1.97
C GLN A 16 -9.04 2.65 1.20
N CYS A 17 -8.17 1.75 0.75
CA CYS A 17 -6.98 2.13 0.00
C CYS A 17 -7.21 1.99 -1.50
N ALA A 18 -6.36 2.63 -2.29
CA ALA A 18 -6.47 2.58 -3.73
C ALA A 18 -5.98 1.23 -4.27
N ASN A 19 -6.59 0.78 -5.36
CA ASN A 19 -6.22 -0.50 -5.98
C ASN A 19 -5.17 -0.29 -7.06
N VAL A 20 -4.59 0.91 -7.11
CA VAL A 20 -3.57 1.22 -8.10
C VAL A 20 -2.49 0.16 -8.15
N THR A 21 -2.00 -0.14 -9.34
CA THR A 21 -0.97 -1.15 -9.52
C THR A 21 0.34 -0.52 -10.00
N CYS A 22 1.46 -1.15 -9.66
CA CYS A 22 2.77 -0.65 -10.04
C CYS A 22 3.48 -1.66 -10.95
N ARG A 23 4.59 -1.22 -11.54
CA ARG A 23 5.36 -2.08 -12.44
C ARG A 23 6.85 -2.02 -12.08
N ARG A 24 7.45 -3.19 -11.92
CA ARG A 24 8.87 -3.27 -11.58
C ARG A 24 9.56 -4.35 -12.42
N THR A 25 10.61 -3.95 -13.14
CA THR A 25 11.35 -4.87 -13.97
C THR A 25 12.83 -4.91 -13.58
N VAL A 26 13.43 -6.11 -13.63
CA VAL A 26 14.83 -6.28 -13.28
C VAL A 26 15.40 -7.54 -13.90
N ASP A 27 16.42 -7.36 -14.75
CA ASP A 27 17.05 -8.49 -15.42
C ASP A 27 18.57 -8.42 -15.25
N ASN A 28 19.21 -9.60 -15.26
CA ASN A 28 20.65 -9.68 -15.10
C ASN A 28 21.13 -8.80 -13.94
N ARG A 29 20.26 -8.60 -12.96
CA ARG A 29 20.58 -7.79 -11.80
C ARG A 29 20.70 -8.65 -10.54
N GLY A 30 19.89 -9.71 -10.48
CA GLY A 30 19.94 -10.60 -9.33
C GLY A 30 19.28 -9.99 -8.11
N LYS A 31 18.84 -8.73 -8.23
CA LYS A 31 18.19 -8.03 -7.13
C LYS A 31 16.72 -7.76 -7.45
N ARG A 32 15.86 -8.06 -6.49
CA ARG A 32 14.42 -7.84 -6.66
C ARG A 32 14.07 -6.37 -6.43
N HIS A 33 13.25 -5.82 -7.33
CA HIS A 33 12.83 -4.43 -7.23
C HIS A 33 11.44 -4.33 -6.61
N ILE A 34 11.27 -3.38 -5.68
CA ILE A 34 9.99 -3.19 -5.02
C ILE A 34 9.37 -1.85 -5.41
N ASP A 35 8.05 -1.85 -5.61
CA ASP A 35 7.34 -0.63 -5.98
C ASP A 35 6.45 -0.16 -4.85
N GLY A 36 6.08 1.12 -4.88
CA GLY A 36 5.22 1.67 -3.85
C GLY A 36 4.02 2.39 -4.42
N CYS A 37 3.00 2.58 -3.58
CA CYS A 37 1.78 3.26 -4.01
C CYS A 37 1.63 4.61 -3.32
N PRO A 38 1.30 5.64 -4.09
CA PRO A 38 1.11 7.01 -3.58
C PRO A 38 -0.13 7.13 -2.71
N PRO A 39 -1.12 6.25 -2.95
CA PRO A 39 -2.38 6.25 -2.20
C PRO A 39 -2.19 5.78 -0.76
N GLY A 40 -0.94 5.48 -0.41
CA GLY A 40 -0.66 5.01 0.94
C GLY A 40 -0.67 3.51 1.05
N CYS A 41 -0.79 2.83 -0.07
CA CYS A 41 -0.81 1.37 -0.11
C CYS A 41 0.56 0.82 -0.47
N LEU A 42 0.77 -0.47 -0.18
CA LEU A 42 2.04 -1.12 -0.48
C LEU A 42 1.84 -2.25 -1.50
N CYS A 43 2.62 -2.23 -2.56
CA CYS A 43 2.54 -3.26 -3.60
C CYS A 43 3.81 -4.09 -3.64
N VAL A 44 3.68 -5.38 -3.37
CA VAL A 44 4.83 -6.29 -3.40
C VAL A 44 4.70 -7.31 -4.51
N LEU A 45 5.66 -7.28 -5.44
CA LEU A 45 5.66 -8.21 -6.57
C LEU A 45 6.92 -9.06 -6.57
N LYS A 46 6.74 -10.37 -6.59
CA LYS A 46 7.86 -11.31 -6.60
C LYS A 46 8.07 -11.89 -7.98
N GLY A 47 9.29 -11.75 -8.50
CA GLY A 47 9.61 -12.28 -9.81
C GLY A 47 10.95 -12.96 -9.86
N PRO A 48 10.95 -14.28 -10.08
CA PRO A 48 12.18 -15.07 -10.16
C PRO A 48 13.00 -14.76 -11.41
N ASP A 49 13.88 -15.69 -11.78
CA ASP A 49 14.72 -15.51 -12.95
C ASP A 49 13.88 -15.20 -14.19
N SER A 50 12.62 -15.61 -14.15
CA SER A 50 11.70 -15.36 -15.26
C SER A 50 10.94 -14.06 -15.06
N LYS A 51 11.47 -13.19 -14.20
CA LYS A 51 10.83 -11.90 -13.93
C LYS A 51 10.55 -11.15 -15.22
N ASP A 52 9.63 -10.20 -15.16
CA ASP A 52 9.27 -9.40 -16.33
C ASP A 52 8.79 -8.01 -15.90
N ASN A 53 8.29 -7.25 -16.87
CA ASN A 53 7.81 -5.90 -16.60
C ASN A 53 6.38 -5.93 -16.08
N LEU A 54 5.92 -7.12 -15.71
CA LEU A 54 4.56 -7.29 -15.19
C LEU A 54 4.29 -6.30 -14.06
N ASP A 55 3.02 -6.11 -13.74
CA ASP A 55 2.63 -5.19 -12.67
C ASP A 55 2.30 -5.96 -11.38
N GLY A 56 2.24 -5.23 -10.28
CA GLY A 56 1.94 -5.86 -9.00
C GLY A 56 0.63 -5.37 -8.41
N THR A 57 0.18 -6.04 -7.36
CA THR A 57 -1.07 -5.66 -6.70
C THR A 57 -0.81 -4.70 -5.53
N CYS A 58 -1.88 -4.08 -5.05
CA CYS A 58 -1.76 -3.14 -3.94
C CYS A 58 -2.64 -3.57 -2.77
N TYR A 59 -2.14 -3.37 -1.56
CA TYR A 59 -2.87 -3.73 -0.35
C TYR A 59 -2.85 -2.61 0.67
N LEU A 60 -3.96 -2.45 1.38
CA LEU A 60 -4.08 -1.40 2.39
C LEU A 60 -3.20 -1.72 3.61
N LEU A 61 -2.58 -0.69 4.15
CA LEU A 61 -1.71 -0.86 5.32
C LEU A 61 -2.53 -1.17 6.57
N ALA A 62 -2.24 -2.32 7.17
CA ALA A 62 -2.95 -2.74 8.39
C ALA A 62 -2.26 -2.22 9.64
N THR A 63 -0.93 -2.13 9.58
CA THR A 63 -0.15 -1.65 10.71
C THR A 63 -0.47 -0.20 11.03
N THR A 64 -0.75 0.08 12.30
CA THR A 64 -1.07 1.43 12.73
C THR A 64 0.10 2.08 13.46
N PRO A 65 0.28 3.39 13.25
CA PRO A 65 1.36 4.14 13.88
C PRO A 65 1.16 4.31 15.38
N LYS A 66 2.05 5.06 16.02
CA LYS A 66 1.97 5.30 17.46
C LYS A 66 1.56 6.74 17.73
N SER A 67 1.03 7.42 16.72
CA SER A 67 0.60 8.80 16.86
C SER A 67 -0.89 8.94 16.54
N THR A 68 -1.63 9.53 17.47
CA THR A 68 -3.07 9.73 17.29
C THR A 68 -3.38 11.13 16.80
N THR A 69 -2.50 12.08 17.16
CA THR A 69 -2.68 13.46 16.75
C THR A 69 -2.27 13.68 15.30
N THR A 70 -3.24 14.06 14.47
CA THR A 70 -2.97 14.30 13.05
C THR A 70 -2.31 15.65 12.83
N GLY A 1 -20.59 23.01 14.52
CA GLY A 1 -21.48 22.33 13.59
C GLY A 1 -21.52 20.82 13.81
N PRO A 2 -20.43 20.14 13.41
CA PRO A 2 -20.32 18.69 13.55
C PRO A 2 -20.17 18.26 15.00
N MET A 3 -21.13 17.48 15.50
CA MET A 3 -21.09 17.00 16.87
C MET A 3 -20.60 15.55 16.93
N GLU A 4 -20.47 14.93 15.77
CA GLU A 4 -20.02 13.55 15.69
C GLU A 4 -18.53 13.45 16.05
N GLU A 5 -18.17 12.35 16.70
CA GLU A 5 -16.77 12.13 17.09
C GLU A 5 -15.94 11.65 15.90
N ALA A 6 -16.55 10.84 15.04
CA ALA A 6 -15.88 10.31 13.88
C ALA A 6 -15.67 11.39 12.82
N ASN A 7 -16.62 12.29 12.72
CA ASN A 7 -16.55 13.38 11.75
C ASN A 7 -15.42 14.35 12.10
N THR A 8 -15.12 14.45 13.40
CA THR A 8 -14.06 15.33 13.86
C THR A 8 -12.75 14.57 14.06
N THR A 9 -12.87 13.25 14.26
CA THR A 9 -11.69 12.42 14.46
C THR A 9 -11.26 11.74 13.16
N PRO A 10 -9.96 11.79 12.88
CA PRO A 10 -9.39 11.19 11.66
C PRO A 10 -9.43 9.66 11.70
N ILE A 11 -10.61 9.11 11.97
CA ILE A 11 -10.78 7.67 12.03
C ILE A 11 -11.75 7.18 10.95
N SER A 12 -11.35 6.11 10.25
CA SER A 12 -12.18 5.54 9.19
C SER A 12 -12.55 4.11 9.50
N VAL A 13 -13.78 3.73 9.15
CA VAL A 13 -14.26 2.37 9.40
C VAL A 13 -13.51 1.36 8.53
N LYS A 14 -13.21 0.20 9.12
CA LYS A 14 -12.49 -0.85 8.41
C LYS A 14 -13.18 -1.19 7.09
N ASP A 15 -12.64 -0.68 5.99
CA ASP A 15 -13.21 -0.95 4.68
C ASP A 15 -12.12 -1.31 3.67
N GLN A 16 -12.53 -1.82 2.52
CA GLN A 16 -11.59 -2.20 1.47
C GLN A 16 -10.96 -0.97 0.82
N CYS A 17 -9.70 -1.10 0.41
CA CYS A 17 -8.99 -0.01 -0.22
C CYS A 17 -9.02 -0.14 -1.74
N ALA A 18 -8.42 0.83 -2.44
CA ALA A 18 -8.38 0.82 -3.89
C ALA A 18 -7.66 -0.42 -4.41
N ASN A 19 -8.10 -0.92 -5.56
CA ASN A 19 -7.50 -2.11 -6.16
C ASN A 19 -6.40 -1.72 -7.15
N VAL A 20 -6.01 -0.45 -7.13
CA VAL A 20 -4.97 0.05 -8.02
C VAL A 20 -3.74 -0.86 -8.01
N THR A 21 -3.21 -1.15 -9.19
CA THR A 21 -2.05 -2.01 -9.31
C THR A 21 -0.80 -1.19 -9.60
N CYS A 22 0.36 -1.73 -9.20
CA CYS A 22 1.64 -1.05 -9.41
C CYS A 22 2.53 -1.85 -10.35
N ARG A 23 3.45 -1.16 -11.01
CA ARG A 23 4.37 -1.82 -11.94
C ARG A 23 5.82 -1.44 -11.63
N ARG A 24 6.66 -2.45 -11.47
CA ARG A 24 8.07 -2.23 -11.15
C ARG A 24 8.95 -3.18 -11.95
N THR A 25 10.06 -2.65 -12.47
CA THR A 25 10.99 -3.45 -13.26
C THR A 25 12.43 -3.24 -12.79
N VAL A 26 13.21 -4.31 -12.80
CA VAL A 26 14.61 -4.23 -12.38
C VAL A 26 15.42 -5.39 -12.97
N ASP A 27 16.42 -5.04 -13.78
CA ASP A 27 17.27 -6.04 -14.41
C ASP A 27 18.75 -5.71 -14.19
N ASN A 28 19.57 -6.74 -14.08
CA ASN A 28 21.00 -6.57 -13.87
C ASN A 28 21.27 -5.51 -12.80
N ARG A 29 20.33 -5.37 -11.87
CA ARG A 29 20.46 -4.40 -10.79
C ARG A 29 20.69 -5.10 -9.45
N GLY A 30 20.08 -6.26 -9.28
CA GLY A 30 20.23 -7.01 -8.06
C GLY A 30 19.48 -6.39 -6.90
N LYS A 31 18.82 -5.26 -7.16
CA LYS A 31 18.04 -4.57 -6.14
C LYS A 31 16.55 -4.65 -6.44
N ARG A 32 15.76 -4.99 -5.42
CA ARG A 32 14.31 -5.10 -5.59
C ARG A 32 13.63 -3.78 -5.21
N HIS A 33 12.85 -3.24 -6.14
CA HIS A 33 12.13 -1.99 -5.91
C HIS A 33 10.64 -2.24 -5.74
N ILE A 34 10.09 -1.75 -4.63
CA ILE A 34 8.67 -1.91 -4.34
C ILE A 34 7.94 -0.59 -4.38
N ASP A 35 6.74 -0.59 -4.95
CA ASP A 35 5.94 0.63 -5.06
C ASP A 35 4.73 0.56 -4.11
N GLY A 36 4.32 1.71 -3.61
CA GLY A 36 3.19 1.76 -2.71
C GLY A 36 1.98 2.45 -3.32
N CYS A 37 0.82 2.27 -2.71
CA CYS A 37 -0.41 2.88 -3.20
C CYS A 37 -0.88 4.00 -2.28
N PRO A 38 -1.39 5.08 -2.87
CA PRO A 38 -1.88 6.24 -2.11
C PRO A 38 -3.16 5.93 -1.34
N PRO A 39 -3.93 4.94 -1.84
CA PRO A 39 -5.19 4.53 -1.22
C PRO A 39 -4.96 3.81 0.12
N GLY A 40 -3.71 3.77 0.55
CA GLY A 40 -3.38 3.10 1.80
C GLY A 40 -2.98 1.65 1.61
N CYS A 41 -3.17 1.15 0.39
CA CYS A 41 -2.83 -0.23 0.08
C CYS A 41 -1.38 -0.34 -0.40
N LEU A 42 -0.84 -1.55 -0.35
CA LEU A 42 0.53 -1.79 -0.77
C LEU A 42 0.60 -2.94 -1.78
N CYS A 43 1.50 -2.82 -2.75
CA CYS A 43 1.67 -3.85 -3.77
C CYS A 43 3.03 -4.53 -3.64
N VAL A 44 3.00 -5.83 -3.36
CA VAL A 44 4.23 -6.61 -3.22
C VAL A 44 4.37 -7.63 -4.33
N LEU A 45 5.36 -7.44 -5.18
CA LEU A 45 5.60 -8.35 -6.30
C LEU A 45 7.04 -8.87 -6.27
N LYS A 46 7.18 -10.19 -6.18
CA LYS A 46 8.49 -10.81 -6.15
C LYS A 46 8.84 -11.41 -7.51
N GLY A 47 10.00 -11.03 -8.06
CA GLY A 47 10.43 -11.53 -9.34
C GLY A 47 11.90 -11.89 -9.36
N PRO A 48 12.20 -13.18 -9.59
CA PRO A 48 13.58 -13.68 -9.63
C PRO A 48 14.32 -13.20 -10.87
N ASP A 49 15.37 -13.93 -11.24
CA ASP A 49 16.16 -13.57 -12.41
C ASP A 49 15.28 -13.34 -13.63
N SER A 50 14.10 -13.95 -13.62
CA SER A 50 13.15 -13.81 -14.72
C SER A 50 12.23 -12.63 -14.51
N LYS A 51 12.65 -11.69 -13.66
CA LYS A 51 11.86 -10.51 -13.37
C LYS A 51 11.43 -9.81 -14.66
N ASP A 52 10.35 -9.03 -14.56
CA ASP A 52 9.84 -8.31 -15.73
C ASP A 52 9.10 -7.05 -15.29
N ASN A 53 8.51 -6.35 -16.26
CA ASN A 53 7.77 -5.12 -15.98
C ASN A 53 6.34 -5.43 -15.57
N LEU A 54 6.07 -6.70 -15.27
CA LEU A 54 4.74 -7.13 -14.87
C LEU A 54 4.19 -6.22 -13.76
N ASP A 55 2.87 -6.27 -13.57
CA ASP A 55 2.23 -5.46 -12.56
C ASP A 55 1.90 -6.30 -11.31
N GLY A 56 1.60 -5.62 -10.21
CA GLY A 56 1.28 -6.32 -8.98
C GLY A 56 -0.08 -5.93 -8.44
N THR A 57 -0.55 -6.66 -7.42
CA THR A 57 -1.84 -6.40 -6.81
C THR A 57 -1.69 -5.47 -5.60
N CYS A 58 -2.82 -5.03 -5.06
CA CYS A 58 -2.82 -4.14 -3.91
C CYS A 58 -3.63 -4.74 -2.76
N TYR A 59 -3.11 -4.56 -1.54
CA TYR A 59 -3.78 -5.10 -0.35
C TYR A 59 -3.80 -4.06 0.76
N LEU A 60 -4.95 -3.93 1.42
CA LEU A 60 -5.11 -2.98 2.51
C LEU A 60 -4.33 -3.42 3.74
N LEU A 61 -3.72 -2.46 4.42
CA LEU A 61 -2.94 -2.75 5.62
C LEU A 61 -3.86 -3.01 6.82
N ALA A 62 -3.75 -4.21 7.38
CA ALA A 62 -4.56 -4.58 8.53
C ALA A 62 -3.86 -4.24 9.83
N THR A 63 -2.54 -4.35 9.84
CA THR A 63 -1.75 -4.04 11.02
C THR A 63 -1.91 -2.58 11.44
N THR A 64 -2.09 -2.36 12.74
CA THR A 64 -2.26 -1.02 13.27
C THR A 64 -0.92 -0.37 13.58
N PRO A 65 -0.75 0.89 13.14
CA PRO A 65 0.48 1.65 13.37
C PRO A 65 0.68 2.02 14.84
N LYS A 66 1.89 1.79 15.33
CA LYS A 66 2.21 2.11 16.73
C LYS A 66 2.87 3.48 16.84
N SER A 67 2.73 4.28 15.79
CA SER A 67 3.31 5.62 15.77
C SER A 67 2.23 6.67 15.52
N THR A 68 2.23 7.71 16.37
CA THR A 68 1.25 8.79 16.24
C THR A 68 1.84 9.98 15.50
N THR A 69 3.16 10.14 15.59
CA THR A 69 3.84 11.24 14.93
C THR A 69 4.19 10.89 13.49
N THR A 70 3.71 11.71 12.56
CA THR A 70 3.97 11.48 11.14
C THR A 70 4.09 12.80 10.39
N GLY A 1 -24.72 16.38 22.70
CA GLY A 1 -24.55 17.62 21.96
C GLY A 1 -24.39 17.39 20.47
N PRO A 2 -23.22 16.87 20.07
CA PRO A 2 -22.92 16.58 18.66
C PRO A 2 -23.74 15.42 18.11
N MET A 3 -24.30 15.61 16.93
CA MET A 3 -25.11 14.58 16.28
C MET A 3 -24.31 13.85 15.22
N GLU A 4 -23.13 14.37 14.90
CA GLU A 4 -22.27 13.76 13.90
C GLU A 4 -21.09 13.05 14.54
N GLU A 5 -20.70 11.91 13.98
CA GLU A 5 -19.59 11.13 14.50
C GLU A 5 -18.25 11.71 14.03
N ALA A 6 -18.30 12.48 12.95
CA ALA A 6 -17.10 13.10 12.39
C ALA A 6 -16.48 14.07 13.39
N ASN A 7 -17.32 14.82 14.09
CA ASN A 7 -16.85 15.80 15.07
C ASN A 7 -16.25 15.09 16.28
N THR A 8 -16.61 13.83 16.48
CA THR A 8 -16.11 13.05 17.60
C THR A 8 -14.92 12.20 17.18
N THR A 9 -14.85 11.88 15.89
CA THR A 9 -13.76 11.06 15.36
C THR A 9 -12.75 11.92 14.61
N PRO A 10 -11.61 12.20 15.26
CA PRO A 10 -10.54 13.00 14.66
C PRO A 10 -9.83 12.29 13.52
N ILE A 11 -9.65 10.98 13.67
CA ILE A 11 -8.98 10.18 12.65
C ILE A 11 -10.00 9.44 11.80
N SER A 12 -9.77 9.45 10.48
CA SER A 12 -10.66 8.79 9.55
C SER A 12 -10.69 7.28 9.78
N VAL A 13 -11.87 6.68 9.69
CA VAL A 13 -12.03 5.25 9.89
C VAL A 13 -11.34 4.45 8.79
N LYS A 14 -10.73 3.35 9.17
CA LYS A 14 -10.03 2.48 8.21
C LYS A 14 -10.93 2.13 7.03
N ASP A 15 -10.49 2.47 5.83
CA ASP A 15 -11.26 2.19 4.62
C ASP A 15 -10.39 1.48 3.59
N GLN A 16 -11.03 0.95 2.55
CA GLN A 16 -10.33 0.24 1.49
C GLN A 16 -9.52 1.20 0.64
N CYS A 17 -8.39 0.73 0.12
CA CYS A 17 -7.52 1.55 -0.71
C CYS A 17 -7.77 1.27 -2.20
N ALA A 18 -7.06 1.99 -3.05
CA ALA A 18 -7.20 1.82 -4.49
C ALA A 18 -6.63 0.48 -4.95
N ASN A 19 -7.26 -0.12 -5.96
CA ASN A 19 -6.82 -1.40 -6.49
C ASN A 19 -5.90 -1.21 -7.69
N VAL A 20 -5.43 0.03 -7.88
CA VAL A 20 -4.55 0.34 -8.99
C VAL A 20 -3.41 -0.67 -9.10
N THR A 21 -3.05 -1.01 -10.33
CA THR A 21 -1.98 -1.98 -10.57
C THR A 21 -0.67 -1.27 -10.88
N CYS A 22 0.44 -1.88 -10.48
CA CYS A 22 1.76 -1.31 -10.72
C CYS A 22 2.60 -2.23 -11.61
N ARG A 23 3.75 -1.73 -12.05
CA ARG A 23 4.63 -2.50 -12.91
C ARG A 23 6.09 -2.33 -12.47
N ARG A 24 6.78 -3.45 -12.28
CA ARG A 24 8.17 -3.43 -11.86
C ARG A 24 8.99 -4.44 -12.66
N THR A 25 10.17 -4.02 -13.09
CA THR A 25 11.06 -4.89 -13.87
C THR A 25 12.51 -4.73 -13.42
N VAL A 26 13.26 -5.83 -13.45
CA VAL A 26 14.66 -5.82 -13.05
C VAL A 26 15.42 -6.96 -13.71
N ASP A 27 16.40 -6.60 -14.54
CA ASP A 27 17.21 -7.59 -15.24
C ASP A 27 18.70 -7.29 -15.06
N ASN A 28 19.51 -8.34 -15.06
CA ASN A 28 20.96 -8.20 -14.91
C ASN A 28 21.29 -7.26 -13.75
N ARG A 29 20.38 -7.20 -12.77
CA ARG A 29 20.57 -6.33 -11.61
C ARG A 29 20.83 -7.16 -10.35
N GLY A 30 20.14 -8.29 -10.25
CA GLY A 30 20.29 -9.15 -9.10
C GLY A 30 19.68 -8.57 -7.85
N LYS A 31 19.18 -7.34 -7.95
CA LYS A 31 18.56 -6.66 -6.82
C LYS A 31 17.09 -6.40 -7.08
N ARG A 32 16.24 -6.72 -6.10
CA ARG A 32 14.81 -6.52 -6.23
C ARG A 32 14.36 -5.25 -5.50
N HIS A 33 13.74 -4.34 -6.23
CA HIS A 33 13.27 -3.08 -5.65
C HIS A 33 11.74 -2.98 -5.73
N ILE A 34 11.11 -2.69 -4.61
CA ILE A 34 9.66 -2.56 -4.55
C ILE A 34 9.24 -1.12 -4.29
N ASP A 35 8.18 -0.69 -4.96
CA ASP A 35 7.68 0.67 -4.81
C ASP A 35 6.32 0.67 -4.12
N GLY A 36 5.92 1.82 -3.59
CA GLY A 36 4.65 1.93 -2.91
C GLY A 36 3.63 2.73 -3.70
N CYS A 37 2.37 2.62 -3.31
CA CYS A 37 1.29 3.34 -4.00
C CYS A 37 0.80 4.50 -3.15
N PRO A 38 0.40 5.60 -3.82
CA PRO A 38 -0.11 6.80 -3.15
C PRO A 38 -1.47 6.57 -2.50
N PRO A 39 -2.23 5.62 -3.06
CA PRO A 39 -3.57 5.28 -2.56
C PRO A 39 -3.53 4.59 -1.20
N GLY A 40 -2.32 4.46 -0.64
CA GLY A 40 -2.17 3.83 0.65
C GLY A 40 -1.88 2.34 0.54
N CYS A 41 -2.03 1.80 -0.67
CA CYS A 41 -1.80 0.38 -0.91
C CYS A 41 -0.36 0.14 -1.35
N LEU A 42 0.08 -1.11 -1.26
CA LEU A 42 1.43 -1.47 -1.65
C LEU A 42 1.43 -2.66 -2.62
N CYS A 43 2.33 -2.64 -3.57
CA CYS A 43 2.43 -3.72 -4.56
C CYS A 43 3.74 -4.48 -4.39
N VAL A 44 3.64 -5.76 -4.05
CA VAL A 44 4.81 -6.61 -3.86
C VAL A 44 4.83 -7.75 -4.87
N LEU A 45 5.82 -7.71 -5.77
CA LEU A 45 5.95 -8.74 -6.79
C LEU A 45 7.32 -9.41 -6.71
N LYS A 46 7.33 -10.73 -6.60
CA LYS A 46 8.57 -11.50 -6.52
C LYS A 46 8.88 -12.17 -7.84
N GLY A 47 10.07 -11.90 -8.38
CA GLY A 47 10.47 -12.48 -9.64
C GLY A 47 11.91 -12.96 -9.63
N PRO A 48 12.11 -14.28 -9.76
CA PRO A 48 13.45 -14.88 -9.77
C PRO A 48 14.23 -14.54 -11.02
N ASP A 49 15.22 -15.37 -11.34
CA ASP A 49 16.05 -15.15 -12.52
C ASP A 49 15.19 -15.00 -13.77
N SER A 50 13.97 -15.55 -13.71
CA SER A 50 13.05 -15.47 -14.84
C SER A 50 12.13 -14.26 -14.71
N LYS A 51 12.54 -13.30 -13.90
CA LYS A 51 11.77 -12.09 -13.69
C LYS A 51 11.38 -11.44 -15.01
N ASP A 52 10.35 -10.60 -14.99
CA ASP A 52 9.89 -9.92 -16.19
C ASP A 52 9.30 -8.56 -15.85
N ASN A 53 8.77 -7.88 -16.86
CA ASN A 53 8.15 -6.57 -16.67
C ASN A 53 6.70 -6.70 -16.23
N LEU A 54 6.33 -7.90 -15.81
CA LEU A 54 4.95 -8.15 -15.36
C LEU A 54 4.50 -7.09 -14.35
N ASP A 55 3.19 -6.99 -14.17
CA ASP A 55 2.63 -6.02 -13.23
C ASP A 55 2.24 -6.69 -11.92
N GLY A 56 2.02 -5.88 -10.89
CA GLY A 56 1.65 -6.41 -9.59
C GLY A 56 0.38 -5.79 -9.06
N THR A 57 -0.17 -6.38 -8.01
CA THR A 57 -1.40 -5.87 -7.39
C THR A 57 -1.09 -4.94 -6.23
N CYS A 58 -2.12 -4.30 -5.71
CA CYS A 58 -1.97 -3.38 -4.58
C CYS A 58 -2.87 -3.78 -3.42
N TYR A 59 -2.34 -3.68 -2.20
CA TYR A 59 -3.09 -4.02 -1.01
C TYR A 59 -2.90 -2.98 0.08
N LEU A 60 -3.97 -2.74 0.84
CA LEU A 60 -3.92 -1.75 1.92
C LEU A 60 -3.06 -2.26 3.07
N LEU A 61 -2.30 -1.34 3.68
CA LEU A 61 -1.44 -1.70 4.80
C LEU A 61 -2.25 -1.97 6.05
N ALA A 62 -2.15 -3.19 6.58
CA ALA A 62 -2.88 -3.57 7.78
C ALA A 62 -2.17 -3.07 9.03
N THR A 63 -0.84 -3.05 8.99
CA THR A 63 -0.04 -2.59 10.11
C THR A 63 -0.47 -1.21 10.58
N THR A 64 -0.87 -1.10 11.84
CA THR A 64 -1.31 0.17 12.41
C THR A 64 -0.25 0.76 13.33
N PRO A 65 -0.11 2.09 13.30
CA PRO A 65 0.87 2.80 14.13
C PRO A 65 0.50 2.78 15.61
N LYS A 66 1.49 3.01 16.47
CA LYS A 66 1.26 3.01 17.91
C LYS A 66 1.07 4.44 18.43
N SER A 67 0.80 5.36 17.51
CA SER A 67 0.60 6.76 17.87
C SER A 67 -0.89 7.09 17.94
N THR A 68 -1.30 7.72 19.04
CA THR A 68 -2.70 8.10 19.22
C THR A 68 -2.94 9.54 18.78
N THR A 69 -1.89 10.36 18.87
CA THR A 69 -2.00 11.76 18.48
C THR A 69 -1.96 11.92 16.96
N THR A 70 -2.86 12.75 16.43
CA THR A 70 -2.94 12.99 15.00
C THR A 70 -2.02 14.13 14.58
N GLY A 1 -13.56 18.81 8.22
CA GLY A 1 -12.28 18.68 8.91
C GLY A 1 -12.43 18.76 10.41
N PRO A 2 -12.67 19.97 10.93
CA PRO A 2 -12.83 20.21 12.36
C PRO A 2 -14.13 19.63 12.90
N MET A 3 -15.16 19.66 12.08
CA MET A 3 -16.47 19.13 12.47
C MET A 3 -16.65 17.70 11.98
N GLU A 4 -15.61 17.15 11.38
CA GLU A 4 -15.65 15.78 10.87
C GLU A 4 -15.74 14.78 12.00
N GLU A 5 -16.22 13.58 11.69
CA GLU A 5 -16.37 12.52 12.68
C GLU A 5 -15.01 12.16 13.29
N ALA A 6 -13.97 12.19 12.47
CA ALA A 6 -12.63 11.87 12.92
C ALA A 6 -12.14 12.86 13.98
N ASN A 7 -12.62 14.10 13.88
CA ASN A 7 -12.25 15.15 14.83
C ASN A 7 -12.98 14.97 16.15
N THR A 8 -14.12 14.27 16.11
CA THR A 8 -14.91 14.02 17.31
C THR A 8 -14.58 12.67 17.92
N THR A 9 -14.10 11.75 17.09
CA THR A 9 -13.75 10.41 17.55
C THR A 9 -12.24 10.21 17.57
N PRO A 10 -11.74 9.53 18.61
CA PRO A 10 -10.31 9.26 18.76
C PRO A 10 -9.79 8.26 17.74
N ILE A 11 -10.57 7.22 17.49
CA ILE A 11 -10.19 6.20 16.51
C ILE A 11 -11.13 6.19 15.32
N SER A 12 -10.56 6.09 14.13
CA SER A 12 -11.35 6.08 12.90
C SER A 12 -11.68 4.64 12.48
N VAL A 13 -12.85 4.46 11.86
CA VAL A 13 -13.28 3.15 11.42
C VAL A 13 -12.40 2.65 10.28
N LYS A 14 -12.11 1.35 10.29
CA LYS A 14 -11.27 0.73 9.27
C LYS A 14 -12.06 0.54 7.98
N ASP A 15 -11.50 1.02 6.87
CA ASP A 15 -12.15 0.88 5.57
C ASP A 15 -11.16 0.42 4.51
N GLN A 16 -11.68 0.03 3.35
CA GLN A 16 -10.84 -0.45 2.25
C GLN A 16 -10.06 0.70 1.63
N CYS A 17 -8.86 0.41 1.16
CA CYS A 17 -8.01 1.42 0.54
C CYS A 17 -8.11 1.35 -0.98
N ALA A 18 -7.39 2.25 -1.65
CA ALA A 18 -7.39 2.29 -3.11
C ALA A 18 -6.84 0.98 -3.70
N ASN A 19 -7.40 0.57 -4.84
CA ASN A 19 -6.98 -0.66 -5.49
C ASN A 19 -5.95 -0.36 -6.58
N VAL A 20 -5.39 0.84 -6.54
CA VAL A 20 -4.38 1.25 -7.51
C VAL A 20 -3.32 0.16 -7.70
N THR A 21 -2.84 0.03 -8.93
CA THR A 21 -1.82 -0.97 -9.25
C THR A 21 -0.43 -0.36 -9.26
N CYS A 22 0.58 -1.19 -9.02
CA CYS A 22 1.96 -0.73 -9.00
C CYS A 22 2.77 -1.39 -10.11
N ARG A 23 3.99 -0.90 -10.31
CA ARG A 23 4.87 -1.44 -11.34
C ARG A 23 6.33 -1.29 -10.95
N ARG A 24 7.06 -2.39 -10.96
CA ARG A 24 8.48 -2.38 -10.60
C ARG A 24 9.29 -3.24 -11.57
N THR A 25 10.44 -2.73 -11.99
CA THR A 25 11.31 -3.45 -12.92
C THR A 25 12.77 -3.35 -12.48
N VAL A 26 13.53 -4.42 -12.74
CA VAL A 26 14.93 -4.46 -12.37
C VAL A 26 15.71 -5.40 -13.29
N ASP A 27 16.73 -4.87 -13.97
CA ASP A 27 17.55 -5.66 -14.87
C ASP A 27 19.02 -5.46 -14.57
N ASN A 28 19.81 -6.51 -14.79
CA ASN A 28 21.25 -6.46 -14.53
C ASN A 28 21.54 -5.81 -13.18
N ARG A 29 20.60 -5.93 -12.25
CA ARG A 29 20.75 -5.37 -10.92
C ARG A 29 20.88 -6.46 -9.87
N GLY A 30 20.17 -7.56 -10.07
CA GLY A 30 20.22 -8.66 -9.14
C GLY A 30 19.47 -8.37 -7.86
N LYS A 31 18.93 -7.16 -7.75
CA LYS A 31 18.18 -6.76 -6.57
C LYS A 31 16.72 -6.52 -6.90
N ARG A 32 15.83 -7.07 -6.09
CA ARG A 32 14.40 -6.91 -6.31
C ARG A 32 13.94 -5.51 -5.96
N HIS A 33 12.81 -5.10 -6.52
CA HIS A 33 12.26 -3.77 -6.27
C HIS A 33 10.80 -3.85 -5.85
N ILE A 34 10.48 -3.23 -4.72
CA ILE A 34 9.11 -3.23 -4.22
C ILE A 34 8.50 -1.84 -4.27
N ASP A 35 7.23 -1.76 -4.67
CA ASP A 35 6.54 -0.48 -4.75
C ASP A 35 5.46 -0.38 -3.67
N GLY A 36 5.14 0.85 -3.28
CA GLY A 36 4.14 1.07 -2.25
C GLY A 36 3.02 1.98 -2.72
N CYS A 37 1.90 1.95 -2.02
CA CYS A 37 0.75 2.78 -2.37
C CYS A 37 0.55 3.90 -1.34
N PRO A 38 0.25 5.11 -1.83
CA PRO A 38 0.03 6.28 -0.97
C PRO A 38 -1.27 6.17 -0.18
N PRO A 39 -2.23 5.40 -0.71
CA PRO A 39 -3.54 5.21 -0.07
C PRO A 39 -3.43 4.36 1.20
N GLY A 40 -2.20 4.14 1.66
CA GLY A 40 -1.98 3.35 2.86
C GLY A 40 -1.76 1.88 2.55
N CYS A 41 -2.00 1.50 1.29
CA CYS A 41 -1.82 0.11 0.88
C CYS A 41 -0.40 -0.12 0.37
N LEU A 42 -0.01 -1.39 0.28
CA LEU A 42 1.32 -1.75 -0.19
C LEU A 42 1.24 -2.77 -1.32
N CYS A 43 2.23 -2.74 -2.21
CA CYS A 43 2.28 -3.65 -3.34
C CYS A 43 3.54 -4.50 -3.31
N VAL A 44 3.36 -5.81 -3.18
CA VAL A 44 4.49 -6.74 -3.14
C VAL A 44 4.52 -7.64 -4.36
N LEU A 45 5.54 -7.49 -5.18
CA LEU A 45 5.69 -8.28 -6.39
C LEU A 45 7.01 -9.05 -6.38
N LYS A 46 6.93 -10.37 -6.57
CA LYS A 46 8.11 -11.21 -6.60
C LYS A 46 8.49 -11.60 -8.02
N GLY A 47 9.71 -11.27 -8.42
CA GLY A 47 10.17 -11.58 -9.76
C GLY A 47 11.60 -12.10 -9.77
N PRO A 48 11.77 -13.37 -10.18
CA PRO A 48 13.09 -14.00 -10.25
C PRO A 48 13.95 -13.42 -11.36
N ASP A 49 14.97 -14.17 -11.76
CA ASP A 49 15.88 -13.73 -12.81
C ASP A 49 15.11 -13.35 -14.07
N SER A 50 13.90 -13.87 -14.19
CA SER A 50 13.05 -13.59 -15.35
C SER A 50 12.14 -12.39 -15.08
N LYS A 51 12.51 -11.58 -14.09
CA LYS A 51 11.74 -10.41 -13.73
C LYS A 51 11.44 -9.55 -14.96
N ASP A 52 10.40 -8.73 -14.86
CA ASP A 52 10.02 -7.86 -15.97
C ASP A 52 9.31 -6.61 -15.45
N ASN A 53 8.77 -5.82 -16.37
CA ASN A 53 8.07 -4.59 -16.01
C ASN A 53 6.62 -4.88 -15.62
N LEU A 54 6.33 -6.15 -15.34
CA LEU A 54 4.98 -6.56 -14.96
C LEU A 54 4.42 -5.63 -13.89
N ASP A 55 3.10 -5.68 -13.71
CA ASP A 55 2.43 -4.84 -12.72
C ASP A 55 2.11 -5.65 -11.47
N GLY A 56 2.13 -4.99 -10.31
CA GLY A 56 1.85 -5.66 -9.06
C GLY A 56 0.48 -5.28 -8.50
N THR A 57 0.03 -6.02 -7.51
CA THR A 57 -1.27 -5.76 -6.88
C THR A 57 -1.11 -4.88 -5.65
N CYS A 58 -2.24 -4.45 -5.09
CA CYS A 58 -2.23 -3.60 -3.91
C CYS A 58 -3.00 -4.25 -2.76
N TYR A 59 -2.49 -4.11 -1.55
CA TYR A 59 -3.13 -4.68 -0.38
C TYR A 59 -3.15 -3.69 0.78
N LEU A 60 -4.22 -3.70 1.56
CA LEU A 60 -4.37 -2.80 2.69
C LEU A 60 -3.62 -3.34 3.91
N LEU A 61 -2.72 -2.54 4.45
CA LEU A 61 -1.94 -2.92 5.62
C LEU A 61 -2.81 -2.97 6.87
N ALA A 62 -2.45 -3.82 7.81
CA ALA A 62 -3.21 -3.94 9.06
C ALA A 62 -2.96 -2.75 9.97
N THR A 63 -1.75 -2.22 9.93
CA THR A 63 -1.39 -1.07 10.76
C THR A 63 -1.66 0.24 10.02
N THR A 64 -2.49 1.09 10.62
CA THR A 64 -2.83 2.37 10.03
C THR A 64 -2.13 3.52 10.75
N PRO A 65 -1.72 4.54 9.99
CA PRO A 65 -1.02 5.71 10.53
C PRO A 65 -1.94 6.59 11.37
N LYS A 66 -3.25 6.50 11.11
CA LYS A 66 -4.24 7.28 11.84
C LYS A 66 -5.01 6.40 12.82
N SER A 67 -4.48 5.21 13.10
CA SER A 67 -5.12 4.28 14.00
C SER A 67 -4.22 3.97 15.19
N THR A 68 -4.78 4.04 16.40
CA THR A 68 -4.02 3.76 17.61
C THR A 68 -4.38 2.40 18.18
N THR A 69 -5.61 1.95 17.92
CA THR A 69 -6.07 0.66 18.41
C THR A 69 -5.76 -0.46 17.41
N THR A 70 -5.28 -1.58 17.92
CA THR A 70 -4.94 -2.72 17.09
C THR A 70 -6.07 -3.74 17.04
N GLY A 1 -24.90 18.81 22.33
CA GLY A 1 -23.88 19.62 21.66
C GLY A 1 -23.15 18.85 20.57
N PRO A 2 -22.24 17.96 20.99
CA PRO A 2 -21.46 17.14 20.05
C PRO A 2 -22.31 16.10 19.33
N MET A 3 -22.79 16.44 18.15
CA MET A 3 -23.62 15.53 17.36
C MET A 3 -22.81 14.90 16.23
N GLU A 4 -21.51 15.20 16.20
CA GLU A 4 -20.63 14.66 15.18
C GLU A 4 -20.32 13.18 15.43
N GLU A 5 -20.10 12.44 14.36
CA GLU A 5 -19.80 11.01 14.48
C GLU A 5 -18.40 10.79 15.03
N ALA A 6 -17.48 11.67 14.66
CA ALA A 6 -16.10 11.58 15.13
C ALA A 6 -15.98 12.00 16.59
N ASN A 7 -16.80 12.96 16.99
CA ASN A 7 -16.79 13.44 18.36
C ASN A 7 -17.28 12.37 19.33
N THR A 8 -18.16 11.51 18.84
CA THR A 8 -18.70 10.43 19.66
C THR A 8 -17.96 9.12 19.42
N THR A 9 -17.30 9.02 18.27
CA THR A 9 -16.54 7.83 17.91
C THR A 9 -15.04 8.07 18.04
N PRO A 10 -14.45 7.56 19.14
CA PRO A 10 -13.01 7.72 19.40
C PRO A 10 -12.16 6.90 18.43
N ILE A 11 -12.57 5.66 18.18
CA ILE A 11 -11.84 4.78 17.28
C ILE A 11 -12.61 4.57 15.98
N SER A 12 -11.90 4.67 14.86
CA SER A 12 -12.52 4.51 13.55
C SER A 12 -12.18 3.13 12.97
N VAL A 13 -13.12 2.58 12.20
CA VAL A 13 -12.92 1.28 11.58
C VAL A 13 -11.94 1.36 10.42
N LYS A 14 -11.04 0.38 10.34
CA LYS A 14 -10.05 0.34 9.27
C LYS A 14 -10.71 0.39 7.90
N ASP A 15 -10.06 1.07 6.96
CA ASP A 15 -10.60 1.19 5.61
C ASP A 15 -9.54 0.82 4.57
N GLN A 16 -9.98 0.41 3.39
CA GLN A 16 -9.08 0.02 2.32
C GLN A 16 -8.38 1.26 1.74
N CYS A 17 -7.15 1.06 1.25
CA CYS A 17 -6.38 2.15 0.66
C CYS A 17 -6.52 2.16 -0.85
N ALA A 18 -5.87 3.13 -1.49
CA ALA A 18 -5.91 3.26 -2.94
C ALA A 18 -5.47 1.95 -3.62
N ASN A 19 -6.08 1.65 -4.77
CA ASN A 19 -5.75 0.44 -5.51
C ASN A 19 -4.69 0.72 -6.57
N VAL A 20 -4.07 1.90 -6.47
CA VAL A 20 -3.04 2.30 -7.43
C VAL A 20 -2.02 1.17 -7.64
N THR A 21 -1.86 0.75 -8.89
CA THR A 21 -0.92 -0.31 -9.22
C THR A 21 0.40 0.26 -9.72
N CYS A 22 1.49 -0.44 -9.42
CA CYS A 22 2.82 0.00 -9.84
C CYS A 22 3.45 -1.01 -10.79
N ARG A 23 4.51 -0.60 -11.46
CA ARG A 23 5.21 -1.47 -12.41
C ARG A 23 6.69 -1.60 -12.05
N ARG A 24 7.13 -2.83 -11.84
CA ARG A 24 8.51 -3.10 -11.48
C ARG A 24 9.03 -4.37 -12.17
N THR A 25 10.11 -4.22 -12.94
CA THR A 25 10.69 -5.36 -13.65
C THR A 25 12.21 -5.32 -13.57
N VAL A 26 12.82 -6.51 -13.52
CA VAL A 26 14.27 -6.62 -13.44
C VAL A 26 14.75 -7.96 -13.98
N ASP A 27 15.55 -7.91 -15.04
CA ASP A 27 16.08 -9.12 -15.66
C ASP A 27 17.60 -9.03 -15.82
N ASN A 28 18.26 -10.18 -15.79
CA ASN A 28 19.71 -10.23 -15.93
C ASN A 28 20.38 -9.19 -15.04
N ARG A 29 19.72 -8.85 -13.94
CA ARG A 29 20.25 -7.86 -13.00
C ARG A 29 20.70 -8.53 -11.70
N GLY A 30 19.97 -9.57 -11.30
CA GLY A 30 20.29 -10.27 -10.07
C GLY A 30 19.96 -9.48 -8.83
N LYS A 31 19.44 -8.27 -9.03
CA LYS A 31 19.08 -7.39 -7.92
C LYS A 31 17.56 -7.23 -7.83
N ARG A 32 17.02 -7.35 -6.63
CA ARG A 32 15.59 -7.21 -6.41
C ARG A 32 15.25 -5.82 -5.91
N HIS A 33 14.36 -5.14 -6.63
CA HIS A 33 13.95 -3.78 -6.26
C HIS A 33 12.43 -3.71 -6.11
N ILE A 34 11.98 -3.29 -4.92
CA ILE A 34 10.56 -3.17 -4.65
C ILE A 34 10.16 -1.71 -4.45
N ASP A 35 8.99 -1.35 -4.98
CA ASP A 35 8.50 0.03 -4.85
C ASP A 35 7.33 0.09 -3.87
N GLY A 36 7.21 1.21 -3.18
CA GLY A 36 6.14 1.38 -2.21
C GLY A 36 5.13 2.44 -2.64
N CYS A 37 3.97 2.43 -2.00
CA CYS A 37 2.92 3.39 -2.31
C CYS A 37 2.77 4.42 -1.20
N PRO A 38 2.66 5.70 -1.58
CA PRO A 38 2.51 6.80 -0.64
C PRO A 38 1.14 6.79 0.05
N PRO A 39 0.14 6.22 -0.63
CA PRO A 39 -1.22 6.13 -0.11
C PRO A 39 -1.33 5.16 1.06
N GLY A 40 -0.20 4.63 1.49
CA GLY A 40 -0.19 3.70 2.60
C GLY A 40 -0.26 2.25 2.15
N CYS A 41 -0.15 2.04 0.84
CA CYS A 41 -0.20 0.69 0.28
C CYS A 41 1.19 0.19 -0.06
N LEU A 42 1.32 -1.12 -0.23
CA LEU A 42 2.60 -1.74 -0.56
C LEU A 42 2.50 -2.57 -1.84
N CYS A 43 3.56 -2.55 -2.64
CA CYS A 43 3.59 -3.31 -3.88
C CYS A 43 4.61 -4.43 -3.81
N VAL A 44 4.17 -5.65 -4.10
CA VAL A 44 5.05 -6.82 -4.07
C VAL A 44 5.68 -7.06 -5.44
N LEU A 45 6.96 -7.43 -5.44
CA LEU A 45 7.67 -7.70 -6.68
C LEU A 45 7.58 -9.18 -7.05
N LYS A 46 7.63 -9.46 -8.35
CA LYS A 46 7.56 -10.84 -8.84
C LYS A 46 8.87 -11.57 -8.59
N GLY A 47 8.81 -12.89 -8.57
CA GLY A 47 10.00 -13.69 -8.35
C GLY A 47 11.11 -13.37 -9.33
N PRO A 48 12.29 -13.95 -9.12
CA PRO A 48 13.45 -13.74 -9.98
C PRO A 48 13.28 -14.39 -11.35
N ASP A 49 13.61 -15.67 -11.44
CA ASP A 49 13.49 -16.40 -12.69
C ASP A 49 12.06 -16.34 -13.22
N SER A 50 11.13 -15.99 -12.35
CA SER A 50 9.72 -15.90 -12.72
C SER A 50 9.30 -14.45 -12.94
N LYS A 51 10.27 -13.55 -12.86
CA LYS A 51 10.01 -12.13 -13.06
C LYS A 51 9.44 -11.87 -14.44
N ASP A 52 8.69 -10.77 -14.57
CA ASP A 52 8.08 -10.41 -15.85
C ASP A 52 7.89 -8.90 -15.95
N ASN A 53 7.41 -8.44 -17.09
CA ASN A 53 7.18 -7.02 -17.31
C ASN A 53 5.80 -6.60 -16.81
N LEU A 54 5.14 -7.51 -16.10
CA LEU A 54 3.82 -7.24 -15.55
C LEU A 54 3.89 -6.22 -14.43
N ASP A 55 2.73 -5.65 -14.08
CA ASP A 55 2.66 -4.65 -13.02
C ASP A 55 2.19 -5.28 -11.72
N GLY A 56 2.69 -4.75 -10.60
CA GLY A 56 2.32 -5.28 -9.30
C GLY A 56 1.11 -4.57 -8.71
N THR A 57 0.45 -5.22 -7.77
CA THR A 57 -0.73 -4.64 -7.12
C THR A 57 -0.35 -3.93 -5.83
N CYS A 58 -1.33 -3.25 -5.23
CA CYS A 58 -1.11 -2.53 -3.99
C CYS A 58 -2.04 -3.03 -2.88
N TYR A 59 -1.52 -3.12 -1.66
CA TYR A 59 -2.31 -3.58 -0.53
C TYR A 59 -2.09 -2.69 0.68
N LEU A 60 -3.16 -2.45 1.43
CA LEU A 60 -3.08 -1.60 2.62
C LEU A 60 -2.32 -2.31 3.74
N LEU A 61 -1.51 -1.54 4.46
CA LEU A 61 -0.71 -2.09 5.56
C LEU A 61 -1.61 -2.46 6.73
N ALA A 62 -1.25 -3.52 7.44
CA ALA A 62 -2.01 -3.97 8.60
C ALA A 62 -1.80 -3.05 9.79
N THR A 63 -0.60 -2.51 9.90
CA THR A 63 -0.26 -1.61 11.01
C THR A 63 -0.80 -0.21 10.75
N THR A 64 -1.45 0.36 11.77
CA THR A 64 -2.03 1.71 11.66
C THR A 64 -0.98 2.77 11.97
N PRO A 65 -0.92 3.81 11.12
CA PRO A 65 0.03 4.92 11.29
C PRO A 65 -0.32 5.79 12.49
N LYS A 66 0.38 6.92 12.61
CA LYS A 66 0.14 7.85 13.71
C LYS A 66 -0.56 9.10 13.21
N SER A 67 -1.14 9.02 12.02
CA SER A 67 -1.85 10.15 11.42
C SER A 67 -3.34 9.84 11.26
N THR A 68 -4.19 10.79 11.62
CA THR A 68 -5.63 10.62 11.52
C THR A 68 -6.19 11.40 10.33
N THR A 69 -5.52 12.48 9.96
CA THR A 69 -5.95 13.30 8.84
C THR A 69 -5.55 12.68 7.52
N THR A 70 -6.48 12.69 6.56
CA THR A 70 -6.22 12.12 5.24
C THR A 70 -6.02 13.21 4.20
N GLY A 1 -0.18 23.40 28.84
CA GLY A 1 -1.39 23.16 28.09
C GLY A 1 -1.25 22.00 27.12
N PRO A 2 -2.22 21.86 26.21
CA PRO A 2 -2.22 20.81 25.19
C PRO A 2 -1.15 21.02 24.14
N MET A 3 0.06 20.52 24.41
CA MET A 3 1.16 20.66 23.48
C MET A 3 1.41 19.35 22.73
N GLU A 4 0.74 18.29 23.16
CA GLU A 4 0.89 16.98 22.53
C GLU A 4 0.31 16.99 21.12
N GLU A 5 1.05 16.41 20.18
CA GLU A 5 0.62 16.36 18.79
C GLU A 5 -0.41 15.24 18.59
N ALA A 6 -0.23 14.14 19.31
CA ALA A 6 -1.13 13.00 19.21
C ALA A 6 -2.53 13.38 19.69
N ASN A 7 -2.60 14.27 20.67
CA ASN A 7 -3.87 14.71 21.21
C ASN A 7 -4.66 15.50 20.18
N THR A 8 -3.96 16.15 19.26
CA THR A 8 -4.60 16.94 18.21
C THR A 8 -4.71 16.14 16.92
N THR A 9 -3.87 15.13 16.78
CA THR A 9 -3.89 14.28 15.58
C THR A 9 -4.54 12.93 15.87
N PRO A 10 -5.79 12.77 15.43
CA PRO A 10 -6.55 11.54 15.63
C PRO A 10 -6.01 10.39 14.79
N ILE A 11 -6.80 9.33 14.67
CA ILE A 11 -6.40 8.16 13.89
C ILE A 11 -7.24 8.03 12.62
N SER A 12 -6.57 7.74 11.51
CA SER A 12 -7.25 7.58 10.23
C SER A 12 -7.96 6.23 10.14
N VAL A 13 -9.08 6.20 9.44
CA VAL A 13 -9.85 4.98 9.28
C VAL A 13 -9.53 4.29 7.96
N LYS A 14 -9.45 2.97 7.98
CA LYS A 14 -9.14 2.20 6.78
C LYS A 14 -10.35 2.15 5.84
N ASP A 15 -10.08 2.15 4.54
CA ASP A 15 -11.14 2.12 3.54
C ASP A 15 -10.84 1.07 2.47
N GLN A 16 -11.85 0.75 1.66
CA GLN A 16 -11.70 -0.24 0.60
C GLN A 16 -10.83 0.31 -0.53
N CYS A 17 -10.08 -0.58 -1.18
CA CYS A 17 -9.21 -0.19 -2.28
C CYS A 17 -9.60 -0.91 -3.56
N ALA A 18 -8.93 -0.57 -4.66
CA ALA A 18 -9.20 -1.19 -5.94
C ALA A 18 -8.26 -2.36 -6.20
N ASN A 19 -8.58 -3.18 -7.19
CA ASN A 19 -7.77 -4.34 -7.53
C ASN A 19 -6.68 -3.96 -8.54
N VAL A 20 -6.45 -2.66 -8.68
CA VAL A 20 -5.43 -2.16 -9.60
C VAL A 20 -4.13 -2.93 -9.45
N THR A 21 -3.42 -3.11 -10.55
CA THR A 21 -2.14 -3.81 -10.54
C THR A 21 -0.96 -2.86 -10.69
N CYS A 22 0.20 -3.26 -10.20
CA CYS A 22 1.39 -2.43 -10.29
C CYS A 22 2.54 -3.21 -10.94
N ARG A 23 3.63 -2.50 -11.25
CA ARG A 23 4.78 -3.12 -11.88
C ARG A 23 6.06 -2.35 -11.53
N ARG A 24 7.08 -3.08 -11.08
CA ARG A 24 8.35 -2.47 -10.71
C ARG A 24 9.52 -3.26 -11.29
N THR A 25 10.43 -2.55 -11.95
CA THR A 25 11.59 -3.19 -12.55
C THR A 25 12.84 -2.34 -12.37
N VAL A 26 13.99 -2.99 -12.23
CA VAL A 26 15.26 -2.30 -12.05
C VAL A 26 16.43 -3.15 -12.51
N ASP A 27 17.21 -2.62 -13.45
CA ASP A 27 18.36 -3.34 -13.97
C ASP A 27 19.60 -2.46 -13.95
N ASN A 28 20.77 -3.09 -13.83
CA ASN A 28 22.04 -2.36 -13.80
C ASN A 28 21.97 -1.20 -12.81
N ARG A 29 21.12 -1.34 -11.80
CA ARG A 29 20.95 -0.31 -10.78
C ARG A 29 21.47 -0.79 -9.42
N GLY A 30 21.35 -2.08 -9.17
CA GLY A 30 21.81 -2.64 -7.91
C GLY A 30 20.87 -2.34 -6.77
N LYS A 31 19.81 -1.58 -7.05
CA LYS A 31 18.84 -1.21 -6.04
C LYS A 31 17.46 -1.81 -6.35
N ARG A 32 16.83 -2.39 -5.34
CA ARG A 32 15.52 -3.00 -5.51
C ARG A 32 14.46 -1.94 -5.80
N HIS A 33 13.35 -2.37 -6.39
CA HIS A 33 12.26 -1.45 -6.73
C HIS A 33 10.92 -2.00 -6.23
N ILE A 34 10.28 -1.24 -5.36
CA ILE A 34 8.98 -1.65 -4.80
C ILE A 34 7.90 -0.63 -5.13
N ASP A 35 6.67 -1.12 -5.29
CA ASP A 35 5.54 -0.26 -5.61
C ASP A 35 4.74 0.09 -4.36
N GLY A 36 3.97 1.17 -4.43
CA GLY A 36 3.18 1.58 -3.28
C GLY A 36 1.70 1.32 -3.48
N CYS A 37 0.96 1.24 -2.39
CA CYS A 37 -0.48 0.99 -2.44
C CYS A 37 -1.22 1.80 -1.38
N PRO A 38 -2.51 2.04 -1.62
CA PRO A 38 -3.36 2.80 -0.70
C PRO A 38 -3.64 2.05 0.60
N PRO A 39 -4.35 2.71 1.53
CA PRO A 39 -4.69 2.12 2.82
C PRO A 39 -5.74 1.01 2.69
N GLY A 40 -5.55 -0.06 3.46
CA GLY A 40 -6.49 -1.17 3.41
C GLY A 40 -6.04 -2.26 2.46
N CYS A 41 -5.04 -1.96 1.64
CA CYS A 41 -4.51 -2.92 0.68
C CYS A 41 -3.01 -2.72 0.46
N LEU A 42 -2.30 -3.81 0.25
CA LEU A 42 -0.85 -3.75 0.03
C LEU A 42 -0.47 -4.50 -1.25
N CYS A 43 0.55 -3.99 -1.93
CA CYS A 43 1.02 -4.60 -3.16
C CYS A 43 2.51 -4.90 -3.09
N VAL A 44 2.84 -6.18 -3.00
CA VAL A 44 4.24 -6.60 -2.92
C VAL A 44 4.58 -7.60 -4.02
N LEU A 45 5.72 -7.40 -4.66
CA LEU A 45 6.16 -8.28 -5.74
C LEU A 45 7.42 -9.05 -5.34
N LYS A 46 7.45 -10.33 -5.69
CA LYS A 46 8.61 -11.18 -5.37
C LYS A 46 9.67 -11.08 -6.46
N GLY A 47 10.88 -10.69 -6.06
CA GLY A 47 11.97 -10.57 -7.01
C GLY A 47 13.31 -10.93 -6.41
N PRO A 48 14.36 -10.92 -7.24
CA PRO A 48 15.72 -11.25 -6.80
C PRO A 48 16.31 -10.19 -5.88
N ASP A 49 17.63 -10.10 -5.84
CA ASP A 49 18.32 -9.13 -5.00
C ASP A 49 17.75 -7.73 -5.23
N SER A 50 17.89 -7.24 -6.45
CA SER A 50 17.41 -5.91 -6.80
C SER A 50 16.38 -5.98 -7.92
N LYS A 51 16.64 -6.83 -8.92
CA LYS A 51 15.74 -7.00 -10.04
C LYS A 51 14.42 -7.61 -9.59
N ASP A 52 13.49 -7.75 -10.53
CA ASP A 52 12.18 -8.32 -10.23
C ASP A 52 11.82 -9.41 -11.25
N ASN A 53 11.15 -10.45 -10.77
CA ASN A 53 10.74 -11.56 -11.63
C ASN A 53 9.23 -11.59 -11.80
N LEU A 54 8.52 -10.96 -10.86
CA LEU A 54 7.06 -10.92 -10.91
C LEU A 54 6.56 -9.49 -10.93
N ASP A 55 5.29 -9.31 -11.24
CA ASP A 55 4.67 -7.99 -11.29
C ASP A 55 3.99 -7.65 -9.99
N GLY A 56 3.66 -6.37 -9.80
CA GLY A 56 3.00 -5.93 -8.58
C GLY A 56 1.49 -6.10 -8.65
N THR A 57 0.90 -6.56 -7.55
CA THR A 57 -0.54 -6.76 -7.50
C THR A 57 -1.12 -6.24 -6.18
N CYS A 58 -2.39 -5.86 -6.22
CA CYS A 58 -3.05 -5.34 -5.02
C CYS A 58 -4.28 -6.18 -4.68
N TYR A 59 -4.52 -6.38 -3.39
CA TYR A 59 -5.66 -7.16 -2.92
C TYR A 59 -6.40 -6.44 -1.81
N LEU A 60 -7.72 -6.37 -1.93
CA LEU A 60 -8.55 -5.72 -0.93
C LEU A 60 -8.79 -6.63 0.27
N LEU A 61 -8.61 -6.08 1.46
CA LEU A 61 -8.81 -6.84 2.69
C LEU A 61 -10.28 -7.15 2.91
N ALA A 62 -10.57 -8.20 3.68
CA ALA A 62 -11.93 -8.60 3.97
C ALA A 62 -12.59 -7.64 4.94
N THR A 63 -11.79 -7.09 5.85
CA THR A 63 -12.31 -6.14 6.85
C THR A 63 -13.11 -5.03 6.19
N THR A 64 -14.37 -4.90 6.59
CA THR A 64 -15.24 -3.87 6.03
C THR A 64 -15.46 -2.74 7.04
N PRO A 65 -15.53 -1.50 6.52
CA PRO A 65 -15.73 -0.31 7.35
C PRO A 65 -17.14 -0.25 7.94
N LYS A 66 -17.47 0.89 8.54
CA LYS A 66 -18.78 1.08 9.14
C LYS A 66 -19.75 1.73 8.16
N SER A 67 -19.39 1.71 6.87
CA SER A 67 -20.22 2.29 5.83
C SER A 67 -20.37 1.34 4.65
N THR A 68 -21.61 1.01 4.31
CA THR A 68 -21.89 0.11 3.21
C THR A 68 -22.33 0.88 1.97
N THR A 69 -22.92 2.04 2.18
CA THR A 69 -23.38 2.87 1.08
C THR A 69 -22.21 3.60 0.41
N THR A 70 -22.00 3.31 -0.87
CA THR A 70 -20.92 3.93 -1.62
C THR A 70 -21.38 5.23 -2.28
#